data_1VHK
#
_entry.id   1VHK
#
_cell.length_a   62.714
_cell.length_b   145.054
_cell.length_c   66.012
_cell.angle_alpha   90.00
_cell.angle_beta   109.40
_cell.angle_gamma   90.00
#
_symmetry.space_group_name_H-M   'P 1 21 1'
#
loop_
_entity.id
_entity.type
_entity.pdbx_description
1 polymer 'Hypothetical protein yqeU'
2 water water
#
_entity_poly.entity_id   1
_entity_poly.type   'polypeptide(L)'
_entity_poly.pdbx_seq_one_letter_code
;(MSE)SLQRYFIELTKQQIEEAPTFSITGEEVHHIVNV(MSE)R(MSE)NEGDQIICCSQDGFEAKCELQSVSKDKVSCL
VIEWTNENRELPIKVYIASGLPKGDKLEWIIQKGTELGAHAFIPFQAARSVVKLDDKKAKKKRERWTKIAKEAAEQSYRN
EVPRV(MSE)DVHSFQQLLQR(MSE)QDFDKCVVAYEESSKQGEISAFSAIVSSLPKGSSLLIVFGPEGGLTEAEVERLT
EQDGVTCGLGPRILRTETAPLYALSAISYQTELLRGDQEGGSHHHHHH
;
_entity_poly.pdbx_strand_id   A,B,C,D
#
# COMPACT_ATOMS: atom_id res chain seq x y z
N GLN A 4 37.94 -11.44 3.15
CA GLN A 4 37.44 -11.49 4.50
C GLN A 4 36.67 -12.74 4.83
N ARG A 5 35.83 -13.29 3.95
CA ARG A 5 35.04 -14.46 4.27
C ARG A 5 35.37 -15.68 3.42
N TYR A 6 35.60 -16.80 4.13
CA TYR A 6 35.94 -18.07 3.57
C TYR A 6 35.09 -19.28 3.99
N PHE A 7 34.86 -20.12 2.99
CA PHE A 7 34.17 -21.38 3.14
C PHE A 7 35.17 -22.52 3.32
N ILE A 8 35.19 -23.05 4.51
CA ILE A 8 36.05 -24.13 4.98
C ILE A 8 35.46 -25.51 4.75
N GLU A 9 36.29 -26.48 4.38
CA GLU A 9 35.84 -27.84 4.13
C GLU A 9 35.93 -28.72 5.37
N LEU A 10 35.50 -28.19 6.49
CA LEU A 10 35.42 -28.84 7.78
C LEU A 10 34.03 -28.57 8.35
N THR A 11 33.58 -29.38 9.27
CA THR A 11 32.23 -29.21 9.87
C THR A 11 32.40 -28.40 11.13
N LYS A 12 31.38 -27.81 11.75
CA LYS A 12 31.69 -27.10 12.99
C LYS A 12 32.36 -28.05 13.98
N GLN A 13 31.78 -29.24 14.21
CA GLN A 13 32.37 -30.18 15.16
C GLN A 13 33.77 -30.62 14.83
N GLN A 14 34.17 -30.67 13.56
CA GLN A 14 35.55 -30.99 13.20
C GLN A 14 36.48 -29.83 13.54
N ILE A 15 36.01 -28.60 13.48
CA ILE A 15 36.85 -27.45 13.83
C ILE A 15 36.98 -27.28 15.32
N GLU A 16 35.97 -27.74 16.07
CA GLU A 16 35.97 -27.70 17.52
C GLU A 16 36.93 -28.77 18.06
N GLU A 17 37.08 -29.82 17.29
CA GLU A 17 37.92 -30.95 17.56
C GLU A 17 39.23 -30.58 18.24
N ALA A 18 40.04 -29.73 17.61
CA ALA A 18 41.32 -29.30 18.13
C ALA A 18 41.32 -27.81 18.50
N PRO A 19 42.42 -27.32 19.05
CA PRO A 19 42.52 -25.94 19.51
C PRO A 19 42.64 -24.91 18.42
N THR A 20 43.19 -25.29 17.27
CA THR A 20 43.32 -24.47 16.10
C THR A 20 42.96 -25.34 14.88
N PHE A 21 42.86 -24.76 13.71
CA PHE A 21 42.53 -25.52 12.50
C PHE A 21 43.31 -24.89 11.35
N SER A 22 43.54 -25.63 10.27
CA SER A 22 44.32 -25.09 9.18
C SER A 22 43.62 -25.15 7.83
N ILE A 23 43.91 -24.12 7.04
CA ILE A 23 43.35 -23.93 5.73
C ILE A 23 44.31 -24.38 4.64
N THR A 24 43.87 -25.34 3.82
CA THR A 24 44.68 -25.84 2.72
C THR A 24 43.98 -25.67 1.38
N GLY A 25 44.79 -25.43 0.33
CA GLY A 25 44.31 -25.30 -1.01
C GLY A 25 44.26 -23.91 -1.61
N GLU A 26 43.20 -23.67 -2.38
CA GLU A 26 42.90 -22.44 -3.07
C GLU A 26 43.01 -21.22 -2.15
N GLU A 27 42.24 -21.28 -1.06
CA GLU A 27 42.13 -20.28 -0.05
C GLU A 27 43.43 -19.83 0.57
N VAL A 28 44.39 -20.74 0.77
CA VAL A 28 45.67 -20.32 1.35
C VAL A 28 46.28 -19.25 0.43
N HIS A 29 46.37 -19.55 -0.86
CA HIS A 29 46.90 -18.62 -1.84
C HIS A 29 46.22 -17.26 -1.78
N HIS A 30 44.89 -17.26 -1.65
CA HIS A 30 44.15 -16.02 -1.53
C HIS A 30 44.51 -15.34 -0.21
N ILE A 31 44.59 -16.12 0.88
CA ILE A 31 44.97 -15.56 2.17
C ILE A 31 46.39 -15.00 2.11
N VAL A 32 47.35 -15.85 1.79
CA VAL A 32 48.74 -15.51 1.77
C VAL A 32 49.22 -14.62 0.64
N ASN A 33 49.10 -15.04 -0.61
CA ASN A 33 49.60 -14.27 -1.74
C ASN A 33 48.75 -13.10 -2.15
N VAL A 34 47.50 -13.33 -2.55
CA VAL A 34 46.62 -12.27 -3.01
C VAL A 34 46.36 -11.17 -1.99
N MSE A 35 45.93 -11.51 -0.79
CA MSE A 35 45.64 -10.50 0.24
C MSE A 35 46.87 -10.16 1.08
O MSE A 35 46.98 -9.07 1.62
CB MSE A 35 44.52 -11.04 1.15
CG MSE A 35 43.26 -11.41 0.39
SE MSE A 35 42.25 -9.89 -0.16
CE MSE A 35 42.22 -8.86 1.44
N ARG A 36 47.81 -11.09 1.20
CA ARG A 36 49.01 -10.99 1.98
C ARG A 36 48.77 -10.69 3.45
N MSE A 37 48.04 -11.58 4.13
CA MSE A 37 47.73 -11.42 5.53
C MSE A 37 48.79 -12.01 6.45
O MSE A 37 49.49 -12.96 6.12
CB MSE A 37 46.35 -12.06 5.83
CG MSE A 37 45.22 -11.28 5.19
SE MSE A 37 43.49 -12.00 5.54
CE MSE A 37 43.17 -11.39 7.30
N ASN A 38 48.90 -11.42 7.65
CA ASN A 38 49.89 -11.86 8.61
C ASN A 38 49.23 -12.44 9.86
N GLU A 39 50.06 -13.14 10.65
CA GLU A 39 49.57 -13.67 11.92
C GLU A 39 49.01 -12.50 12.74
N GLY A 40 47.86 -12.73 13.36
CA GLY A 40 47.19 -11.70 14.13
C GLY A 40 46.02 -11.13 13.34
N ASP A 41 46.03 -11.34 12.03
CA ASP A 41 44.96 -10.87 11.18
C ASP A 41 43.70 -11.72 11.41
N GLN A 42 42.55 -11.10 11.20
CA GLN A 42 41.25 -11.69 11.41
C GLN A 42 40.46 -11.93 10.13
N ILE A 43 39.80 -13.09 10.04
CA ILE A 43 38.95 -13.45 8.93
C ILE A 43 37.64 -14.05 9.47
N ILE A 44 36.72 -14.24 8.53
CA ILE A 44 35.43 -14.85 8.79
C ILE A 44 35.39 -16.19 8.03
N CYS A 45 35.07 -17.23 8.77
CA CYS A 45 34.98 -18.57 8.24
C CYS A 45 33.59 -19.16 8.54
N CYS A 46 33.11 -19.87 7.55
CA CYS A 46 31.84 -20.56 7.59
C CYS A 46 32.09 -22.04 7.32
N SER A 47 31.71 -22.94 8.19
CA SER A 47 31.91 -24.38 7.99
C SER A 47 31.03 -24.97 6.90
N GLN A 48 31.22 -26.27 6.60
CA GLN A 48 30.41 -26.88 5.54
C GLN A 48 28.93 -26.99 5.95
N ASP A 49 28.65 -27.03 7.24
CA ASP A 49 27.31 -27.16 7.76
C ASP A 49 26.67 -25.84 8.10
N GLY A 50 27.18 -24.74 7.56
CA GLY A 50 26.63 -23.43 7.76
C GLY A 50 26.98 -22.66 8.98
N PHE A 51 27.95 -23.09 9.80
CA PHE A 51 28.31 -22.34 11.01
C PHE A 51 29.42 -21.33 10.81
N GLU A 52 29.18 -20.07 11.17
CA GLU A 52 30.08 -18.95 11.02
C GLU A 52 30.96 -18.65 12.22
N ALA A 53 32.27 -18.47 11.96
CA ALA A 53 33.17 -18.08 13.03
C ALA A 53 34.06 -16.89 12.72
N LYS A 54 34.42 -16.15 13.78
CA LYS A 54 35.44 -15.12 13.63
C LYS A 54 36.79 -15.78 14.02
N CYS A 55 37.71 -15.80 13.05
CA CYS A 55 38.99 -16.44 13.26
C CYS A 55 40.15 -15.45 13.22
N GLU A 56 41.21 -15.84 13.92
CA GLU A 56 42.46 -15.12 14.00
C GLU A 56 43.58 -15.95 13.38
N LEU A 57 44.34 -15.36 12.45
CA LEU A 57 45.45 -16.11 11.85
C LEU A 57 46.59 -16.26 12.87
N GLN A 58 46.75 -17.49 13.33
CA GLN A 58 47.76 -17.89 14.28
C GLN A 58 49.03 -18.22 13.49
N SER A 59 48.84 -18.93 12.38
CA SER A 59 49.99 -19.29 11.54
C SER A 59 49.71 -19.05 10.06
N VAL A 60 50.68 -18.44 9.36
CA VAL A 60 50.54 -18.16 7.95
C VAL A 60 51.79 -18.59 7.17
N SER A 61 51.64 -19.68 6.41
CA SER A 61 52.72 -20.23 5.60
C SER A 61 52.46 -20.02 4.13
N LYS A 62 53.13 -20.78 3.27
CA LYS A 62 52.97 -20.62 1.82
C LYS A 62 51.96 -21.60 1.25
N ASP A 63 51.53 -22.55 2.07
CA ASP A 63 50.59 -23.56 1.60
C ASP A 63 49.66 -24.02 2.71
N LYS A 64 49.92 -23.50 3.91
CA LYS A 64 49.12 -23.84 5.08
C LYS A 64 48.86 -22.57 5.89
N VAL A 65 47.65 -22.41 6.37
CA VAL A 65 47.29 -21.25 7.19
C VAL A 65 46.56 -21.74 8.44
N SER A 66 47.10 -21.42 9.60
CA SER A 66 46.48 -21.91 10.85
C SER A 66 45.63 -20.83 11.49
N CYS A 67 44.45 -21.24 11.99
CA CYS A 67 43.51 -20.35 12.60
C CYS A 67 43.00 -20.79 13.97
N LEU A 68 42.73 -19.80 14.77
CA LEU A 68 42.17 -19.91 16.12
C LEU A 68 40.78 -19.28 16.08
N VAL A 69 39.75 -20.00 16.48
CA VAL A 69 38.40 -19.40 16.44
C VAL A 69 38.18 -18.54 17.66
N ILE A 70 38.00 -17.24 17.44
CA ILE A 70 37.78 -16.33 18.59
C ILE A 70 36.33 -16.12 18.92
N GLU A 71 35.40 -16.58 18.07
CA GLU A 71 34.00 -16.39 18.34
C GLU A 71 33.07 -17.11 17.39
N TRP A 72 32.06 -17.80 17.93
CA TRP A 72 31.03 -18.44 17.08
C TRP A 72 29.86 -17.45 17.00
N THR A 73 29.73 -16.77 15.88
CA THR A 73 28.74 -15.73 15.73
C THR A 73 27.31 -16.12 15.89
N ASN A 74 26.91 -17.34 15.57
CA ASN A 74 25.53 -17.78 15.62
C ASN A 74 24.63 -17.02 14.64
N GLU A 75 25.20 -16.41 13.64
CA GLU A 75 24.51 -15.61 12.66
C GLU A 75 24.03 -16.45 11.48
N ASN A 76 22.73 -16.41 11.21
CA ASN A 76 22.21 -17.12 10.06
C ASN A 76 21.53 -16.13 9.10
N ARG A 77 22.06 -16.10 7.89
CA ARG A 77 21.53 -15.13 6.93
C ARG A 77 20.85 -15.78 5.78
N GLU A 78 20.43 -17.04 5.95
CA GLU A 78 19.76 -17.77 4.87
C GLU A 78 18.29 -17.46 4.77
N LEU A 79 17.76 -17.40 3.54
CA LEU A 79 16.31 -17.19 3.38
C LEU A 79 15.56 -18.29 4.15
N PRO A 80 14.40 -18.00 4.69
CA PRO A 80 13.63 -19.02 5.39
C PRO A 80 13.16 -20.11 4.46
N ILE A 81 13.08 -19.88 3.14
CA ILE A 81 12.64 -20.95 2.27
C ILE A 81 13.66 -21.17 1.14
N LYS A 82 13.72 -22.38 0.63
CA LYS A 82 14.65 -22.73 -0.43
C LYS A 82 14.17 -22.32 -1.80
N VAL A 83 14.83 -21.30 -2.41
CA VAL A 83 14.31 -20.93 -3.72
C VAL A 83 15.27 -21.29 -4.82
N TYR A 84 14.70 -22.06 -5.77
CA TYR A 84 15.41 -22.54 -6.94
C TYR A 84 15.07 -21.71 -8.17
N ILE A 85 16.10 -21.18 -8.81
CA ILE A 85 15.94 -20.37 -10.00
C ILE A 85 16.19 -21.20 -11.27
N ALA A 86 15.16 -21.37 -12.08
CA ALA A 86 15.35 -22.02 -13.38
C ALA A 86 15.41 -20.96 -14.47
N SER A 87 16.53 -20.78 -15.18
CA SER A 87 16.55 -19.79 -16.23
C SER A 87 16.74 -20.29 -17.65
N GLY A 88 15.86 -19.90 -18.57
CA GLY A 88 16.12 -20.27 -19.99
C GLY A 88 17.40 -19.58 -20.47
N LEU A 89 18.39 -20.38 -20.91
CA LEU A 89 19.68 -19.85 -21.32
C LEU A 89 19.60 -18.49 -21.97
N PRO A 90 20.07 -17.45 -21.31
CA PRO A 90 20.06 -16.09 -21.85
C PRO A 90 21.28 -15.88 -22.73
N LYS A 91 21.33 -14.78 -23.46
CA LYS A 91 22.47 -14.50 -24.33
C LYS A 91 23.58 -13.77 -23.58
N GLY A 92 24.59 -13.35 -24.35
CA GLY A 92 25.72 -12.62 -23.76
C GLY A 92 26.18 -13.37 -22.51
N ASP A 93 26.44 -12.64 -21.46
CA ASP A 93 26.82 -13.19 -20.18
C ASP A 93 25.80 -12.89 -19.08
N LYS A 94 24.50 -12.89 -19.39
CA LYS A 94 23.46 -12.61 -18.42
C LYS A 94 23.29 -13.66 -17.36
N LEU A 95 23.72 -14.89 -17.65
CA LEU A 95 23.63 -15.96 -16.67
C LEU A 95 24.55 -15.72 -15.49
N GLU A 96 25.73 -15.16 -15.71
CA GLU A 96 26.65 -14.85 -14.63
C GLU A 96 26.05 -13.77 -13.71
N TRP A 97 25.37 -12.81 -14.29
CA TRP A 97 24.73 -11.74 -13.51
C TRP A 97 23.59 -12.33 -12.69
N ILE A 98 22.88 -13.28 -13.33
CA ILE A 98 21.77 -13.93 -12.64
C ILE A 98 22.30 -14.74 -11.47
N ILE A 99 23.46 -15.38 -11.64
CA ILE A 99 24.01 -16.24 -10.58
C ILE A 99 24.53 -15.39 -9.45
N GLN A 100 25.31 -14.36 -9.86
CA GLN A 100 25.88 -13.47 -8.90
C GLN A 100 24.81 -12.76 -8.07
N LYS A 101 23.93 -11.96 -8.70
CA LYS A 101 22.99 -11.20 -7.86
C LYS A 101 22.08 -12.15 -7.13
N GLY A 102 21.64 -13.22 -7.83
CA GLY A 102 20.88 -14.26 -7.30
C GLY A 102 21.44 -14.79 -5.99
N THR A 103 22.74 -15.08 -5.92
CA THR A 103 23.34 -15.53 -4.67
C THR A 103 23.25 -14.39 -3.64
N GLU A 104 23.66 -13.17 -4.02
CA GLU A 104 23.57 -12.06 -3.07
C GLU A 104 22.14 -12.08 -2.46
N LEU A 105 21.09 -12.17 -3.29
CA LEU A 105 19.74 -12.20 -2.84
C LEU A 105 19.20 -13.44 -2.16
N GLY A 106 19.98 -14.46 -1.85
CA GLY A 106 19.51 -15.63 -1.16
C GLY A 106 19.11 -16.83 -1.91
N ALA A 107 19.16 -16.89 -3.22
CA ALA A 107 18.77 -18.06 -4.00
C ALA A 107 19.45 -19.31 -3.48
N HIS A 108 18.73 -20.45 -3.48
CA HIS A 108 19.26 -21.71 -2.99
C HIS A 108 20.00 -22.50 -4.04
N ALA A 109 19.58 -22.38 -5.31
CA ALA A 109 20.30 -23.18 -6.32
C ALA A 109 19.88 -22.66 -7.70
N PHE A 110 20.72 -22.91 -8.72
CA PHE A 110 20.33 -22.42 -10.04
C PHE A 110 20.22 -23.57 -11.02
N ILE A 111 19.25 -23.51 -11.92
CA ILE A 111 19.04 -24.60 -12.89
C ILE A 111 18.84 -23.98 -14.28
N PRO A 112 19.88 -23.94 -15.08
CA PRO A 112 19.81 -23.40 -16.43
C PRO A 112 19.18 -24.43 -17.35
N PHE A 113 18.42 -24.01 -18.35
CA PHE A 113 17.81 -25.05 -19.20
C PHE A 113 17.64 -24.55 -20.61
N GLN A 114 17.74 -25.47 -21.58
CA GLN A 114 17.58 -25.01 -22.98
C GLN A 114 16.14 -24.58 -23.18
N ALA A 115 15.88 -23.41 -23.70
CA ALA A 115 14.46 -23.03 -23.92
C ALA A 115 14.19 -22.82 -25.41
N ALA A 116 12.95 -23.02 -25.84
CA ALA A 116 12.56 -22.89 -27.24
C ALA A 116 13.10 -21.63 -27.88
N ARG A 117 12.99 -20.48 -27.19
CA ARG A 117 13.52 -19.24 -27.72
C ARG A 117 14.95 -18.96 -27.30
N SER A 118 15.61 -19.86 -26.59
CA SER A 118 17.01 -19.68 -26.23
C SER A 118 17.83 -19.63 -27.54
N VAL A 119 18.35 -18.46 -27.85
CA VAL A 119 19.12 -18.19 -29.04
C VAL A 119 20.46 -18.90 -29.09
N VAL A 120 20.95 -19.34 -27.94
CA VAL A 120 22.26 -19.98 -27.85
C VAL A 120 22.15 -21.47 -27.70
N LYS A 130 31.87 -23.62 -18.93
CA LYS A 130 31.08 -22.51 -18.45
C LYS A 130 30.58 -22.72 -17.03
N ARG A 131 30.10 -23.91 -16.73
CA ARG A 131 29.59 -24.26 -15.42
C ARG A 131 30.66 -24.21 -14.34
N GLU A 132 31.92 -24.34 -14.74
CA GLU A 132 33.01 -24.29 -13.77
C GLU A 132 33.28 -22.85 -13.36
N ARG A 133 32.94 -21.91 -14.22
CA ARG A 133 33.06 -20.49 -13.96
C ARG A 133 31.82 -20.01 -13.19
N TRP A 134 30.68 -20.61 -13.47
CA TRP A 134 29.43 -20.35 -12.78
C TRP A 134 29.51 -20.68 -11.29
N THR A 135 30.05 -21.84 -10.99
CA THR A 135 30.28 -22.34 -9.64
C THR A 135 31.20 -21.41 -8.86
N LYS A 136 32.17 -20.87 -9.59
CA LYS A 136 33.15 -19.93 -9.07
C LYS A 136 32.48 -18.59 -8.79
N ILE A 137 31.59 -18.15 -9.66
CA ILE A 137 30.88 -16.90 -9.47
C ILE A 137 29.96 -16.92 -8.27
N ALA A 138 29.35 -18.07 -8.02
CA ALA A 138 28.42 -18.32 -6.95
C ALA A 138 29.11 -18.35 -5.59
N LYS A 139 30.31 -18.91 -5.56
CA LYS A 139 31.14 -19.00 -4.37
C LYS A 139 31.64 -17.63 -3.93
N GLU A 140 32.01 -16.79 -4.89
CA GLU A 140 32.52 -15.43 -4.56
C GLU A 140 31.38 -14.54 -4.11
N ALA A 141 30.25 -14.60 -4.83
CA ALA A 141 29.06 -13.84 -4.41
C ALA A 141 28.67 -14.27 -2.99
N ALA A 142 28.77 -15.59 -2.80
CA ALA A 142 28.47 -16.20 -1.54
C ALA A 142 29.38 -15.69 -0.41
N GLU A 143 30.65 -15.48 -0.70
CA GLU A 143 31.61 -14.93 0.23
C GLU A 143 31.33 -13.46 0.54
N GLN A 144 31.08 -12.68 -0.53
CA GLN A 144 30.89 -11.25 -0.32
C GLN A 144 29.56 -10.92 0.30
N SER A 145 28.57 -11.80 0.28
CA SER A 145 27.26 -11.47 0.83
C SER A 145 27.00 -12.09 2.18
N TYR A 146 27.94 -12.84 2.69
CA TYR A 146 27.85 -13.45 4.00
C TYR A 146 26.78 -14.52 4.04
N ARG A 147 26.73 -15.32 2.99
CA ARG A 147 25.80 -16.46 2.97
C ARG A 147 26.39 -17.53 3.90
N ASN A 148 25.55 -18.42 4.40
CA ASN A 148 25.96 -19.51 5.25
C ASN A 148 26.15 -20.78 4.41
N GLU A 149 25.89 -20.65 3.11
CA GLU A 149 25.99 -21.69 2.15
C GLU A 149 26.31 -21.12 0.75
N VAL A 150 26.89 -21.95 -0.08
CA VAL A 150 27.19 -21.60 -1.47
C VAL A 150 26.17 -22.29 -2.37
N PRO A 151 25.39 -21.51 -3.10
CA PRO A 151 24.36 -22.07 -3.95
C PRO A 151 24.95 -22.95 -5.05
N ARG A 152 24.29 -24.08 -5.29
CA ARG A 152 24.67 -25.02 -6.31
C ARG A 152 24.12 -24.64 -7.68
N VAL A 153 24.96 -24.76 -8.69
CA VAL A 153 24.59 -24.46 -10.07
C VAL A 153 24.51 -25.79 -10.81
N MSE A 154 23.35 -26.13 -11.34
CA MSE A 154 23.19 -27.46 -11.95
C MSE A 154 23.66 -27.48 -13.39
O MSE A 154 24.16 -26.49 -13.93
CB MSE A 154 21.74 -27.89 -11.80
CG MSE A 154 21.22 -27.74 -10.36
SE MSE A 154 19.69 -28.87 -10.06
CE MSE A 154 20.54 -30.59 -10.18
N ASP A 155 23.53 -28.64 -14.03
CA ASP A 155 23.94 -28.73 -15.45
C ASP A 155 22.82 -28.21 -16.33
N VAL A 156 23.16 -27.63 -17.47
CA VAL A 156 22.06 -27.15 -18.33
C VAL A 156 21.10 -28.30 -18.63
N HIS A 157 19.83 -28.03 -18.37
CA HIS A 157 18.76 -28.98 -18.50
C HIS A 157 18.03 -28.82 -19.82
N SER A 158 17.64 -29.98 -20.38
CA SER A 158 16.80 -29.88 -21.59
C SER A 158 15.45 -29.36 -21.03
N PHE A 159 14.58 -28.85 -21.85
CA PHE A 159 13.25 -28.45 -21.40
C PHE A 159 12.53 -29.63 -20.76
N GLN A 160 12.67 -30.81 -21.37
CA GLN A 160 12.06 -32.03 -20.86
C GLN A 160 12.57 -32.35 -19.46
N GLN A 161 13.88 -32.35 -19.30
CA GLN A 161 14.48 -32.73 -18.02
C GLN A 161 13.97 -31.86 -16.88
N LEU A 162 13.84 -30.57 -17.16
CA LEU A 162 13.33 -29.64 -16.19
C LEU A 162 11.93 -30.08 -15.74
N LEU A 163 11.07 -30.38 -16.70
CA LEU A 163 9.73 -30.91 -16.42
C LEU A 163 9.75 -32.09 -15.47
N GLN A 164 10.75 -32.98 -15.54
CA GLN A 164 10.83 -34.11 -14.62
C GLN A 164 11.35 -33.70 -13.26
N ARG A 165 11.94 -32.53 -13.11
CA ARG A 165 12.48 -32.12 -11.81
C ARG A 165 11.39 -31.57 -10.91
N MSE A 166 10.36 -30.99 -11.49
CA MSE A 166 9.27 -30.33 -10.82
C MSE A 166 8.68 -31.05 -9.63
O MSE A 166 8.37 -30.44 -8.59
CB MSE A 166 8.15 -30.00 -11.85
CG MSE A 166 8.73 -29.34 -13.09
SE MSE A 166 7.78 -27.85 -13.74
CE MSE A 166 6.68 -27.41 -12.25
N GLN A 167 8.57 -32.36 -9.72
CA GLN A 167 7.99 -33.19 -8.67
C GLN A 167 8.69 -33.12 -7.33
N ASP A 168 9.97 -32.77 -7.31
CA ASP A 168 10.76 -32.72 -6.11
C ASP A 168 10.45 -31.51 -5.24
N PHE A 169 9.87 -30.45 -5.78
CA PHE A 169 9.65 -29.28 -4.96
C PHE A 169 8.25 -29.16 -4.40
N ASP A 170 8.16 -28.50 -3.24
CA ASP A 170 6.87 -28.14 -2.67
C ASP A 170 6.03 -27.31 -3.60
N LYS A 171 6.51 -26.27 -4.28
CA LYS A 171 5.71 -25.48 -5.19
C LYS A 171 6.52 -25.02 -6.41
N CYS A 172 5.84 -24.64 -7.47
CA CYS A 172 6.49 -24.13 -8.63
C CYS A 172 5.78 -22.92 -9.22
N VAL A 173 6.45 -21.78 -9.30
CA VAL A 173 5.83 -20.63 -9.95
C VAL A 173 6.51 -20.45 -11.31
N VAL A 174 5.70 -20.05 -12.27
CA VAL A 174 6.16 -19.73 -13.61
C VAL A 174 5.96 -18.22 -13.83
N ALA A 175 7.07 -17.53 -14.00
CA ALA A 175 7.06 -16.07 -14.17
C ALA A 175 6.65 -15.79 -15.62
N TYR A 176 5.40 -15.40 -15.75
CA TYR A 176 4.76 -15.25 -17.06
C TYR A 176 3.46 -14.49 -16.88
N GLU A 177 3.05 -13.75 -17.90
CA GLU A 177 1.74 -13.07 -17.79
C GLU A 177 0.95 -13.07 -19.07
N SER A 186 -1.89 -13.22 -10.05
CA SER A 186 -1.36 -12.56 -8.83
C SER A 186 -1.29 -13.54 -7.67
N ALA A 187 -0.95 -14.78 -8.12
CA ALA A 187 -0.75 -15.92 -7.26
C ALA A 187 0.49 -15.76 -6.37
N PHE A 188 1.48 -15.01 -6.87
CA PHE A 188 2.75 -14.84 -6.24
C PHE A 188 2.73 -14.48 -4.80
N SER A 189 2.16 -13.37 -4.35
CA SER A 189 2.20 -13.11 -2.88
C SER A 189 1.50 -14.21 -2.10
N ALA A 190 0.44 -14.81 -2.66
CA ALA A 190 -0.26 -15.88 -1.96
C ALA A 190 0.63 -17.08 -1.78
N ILE A 191 1.23 -17.56 -2.88
CA ILE A 191 2.02 -18.78 -2.72
C ILE A 191 3.19 -18.50 -1.79
N VAL A 192 3.91 -17.40 -2.02
CA VAL A 192 5.08 -17.12 -1.18
C VAL A 192 4.68 -16.94 0.26
N SER A 193 3.57 -16.29 0.57
CA SER A 193 3.21 -16.10 1.98
C SER A 193 2.62 -17.35 2.60
N SER A 194 2.29 -18.38 1.82
CA SER A 194 1.78 -19.62 2.37
C SER A 194 2.83 -20.71 2.49
N LEU A 195 4.10 -20.46 2.14
CA LEU A 195 5.14 -21.48 2.26
C LEU A 195 5.76 -21.44 3.66
N PRO A 196 5.98 -22.59 4.24
CA PRO A 196 6.54 -22.72 5.57
C PRO A 196 8.05 -22.79 5.63
N LYS A 197 8.59 -22.39 6.79
CA LYS A 197 10.05 -22.44 6.99
C LYS A 197 10.58 -23.79 6.52
N GLY A 198 11.62 -23.76 5.70
CA GLY A 198 12.26 -24.95 5.16
C GLY A 198 11.70 -25.48 3.88
N SER A 199 10.59 -24.99 3.34
CA SER A 199 10.00 -25.55 2.15
C SER A 199 10.72 -25.12 0.88
N SER A 200 10.46 -25.81 -0.24
CA SER A 200 11.14 -25.55 -1.46
C SER A 200 10.29 -24.88 -2.53
N LEU A 201 10.91 -23.92 -3.25
CA LEU A 201 10.17 -23.25 -4.32
C LEU A 201 10.98 -23.16 -5.61
N LEU A 202 10.39 -23.63 -6.71
CA LEU A 202 10.97 -23.57 -8.03
C LEU A 202 10.29 -22.43 -8.81
N ILE A 203 11.11 -21.58 -9.43
CA ILE A 203 10.60 -20.45 -10.19
C ILE A 203 11.25 -20.49 -11.58
N VAL A 204 10.47 -20.68 -12.65
CA VAL A 204 11.14 -20.76 -13.96
C VAL A 204 10.91 -19.50 -14.75
N PHE A 205 11.97 -19.02 -15.40
CA PHE A 205 11.88 -17.81 -16.24
C PHE A 205 12.19 -18.14 -17.69
N GLY A 206 11.69 -17.38 -18.64
CA GLY A 206 12.06 -17.67 -20.05
C GLY A 206 13.26 -16.79 -20.43
N PRO A 207 13.75 -16.95 -21.65
CA PRO A 207 14.89 -16.18 -22.15
C PRO A 207 14.42 -14.88 -22.79
N GLU A 208 15.31 -14.10 -23.37
CA GLU A 208 14.95 -12.83 -24.00
C GLU A 208 13.64 -12.96 -24.77
N GLY A 209 13.55 -14.00 -25.61
CA GLY A 209 12.33 -14.26 -26.34
C GLY A 209 11.17 -14.52 -25.40
N GLY A 210 11.39 -15.22 -24.31
CA GLY A 210 10.30 -15.50 -23.35
C GLY A 210 9.81 -16.93 -23.51
N LEU A 211 9.16 -17.47 -22.49
CA LEU A 211 8.65 -18.84 -22.61
C LEU A 211 7.63 -18.89 -23.75
N THR A 212 7.32 -20.09 -24.19
CA THR A 212 6.38 -20.24 -25.33
C THR A 212 5.03 -20.71 -24.85
N GLU A 213 3.96 -20.47 -25.60
CA GLU A 213 2.62 -20.96 -25.21
C GLU A 213 2.67 -22.46 -24.93
N ALA A 214 3.32 -23.20 -25.83
CA ALA A 214 3.48 -24.64 -25.67
C ALA A 214 4.13 -24.97 -24.33
N GLU A 215 5.27 -24.36 -24.06
CA GLU A 215 6.03 -24.50 -22.84
C GLU A 215 5.22 -24.20 -21.58
N VAL A 216 4.46 -23.10 -21.59
CA VAL A 216 3.64 -22.79 -20.42
C VAL A 216 2.68 -23.94 -20.15
N GLU A 217 1.97 -24.35 -21.19
CA GLU A 217 1.09 -25.51 -21.13
C GLU A 217 1.74 -26.71 -20.47
N ARG A 218 2.96 -27.10 -20.80
CA ARG A 218 3.61 -28.25 -20.15
C ARG A 218 3.97 -27.95 -18.69
N LEU A 219 4.39 -26.71 -18.41
CA LEU A 219 4.69 -26.33 -17.02
C LEU A 219 3.43 -26.34 -16.17
N THR A 220 2.34 -25.79 -16.68
CA THR A 220 1.08 -25.73 -15.95
C THR A 220 0.49 -27.09 -15.63
N GLU A 221 0.69 -28.08 -16.50
CA GLU A 221 0.21 -29.43 -16.24
C GLU A 221 1.10 -30.18 -15.26
N GLN A 222 2.31 -29.66 -15.02
CA GLN A 222 3.20 -30.21 -14.00
C GLN A 222 3.01 -29.45 -12.68
N ASP A 223 1.88 -28.76 -12.54
CA ASP A 223 1.57 -27.99 -11.36
C ASP A 223 2.27 -26.64 -11.31
N GLY A 224 2.87 -26.20 -12.40
CA GLY A 224 3.51 -24.87 -12.39
C GLY A 224 2.36 -23.86 -12.47
N VAL A 225 2.43 -22.80 -11.68
CA VAL A 225 1.36 -21.79 -11.71
C VAL A 225 1.90 -20.45 -12.21
N THR A 226 1.36 -19.95 -13.31
CA THR A 226 1.77 -18.69 -13.88
C THR A 226 1.47 -17.50 -12.99
N CYS A 227 2.44 -16.60 -12.84
CA CYS A 227 2.34 -15.45 -12.00
C CYS A 227 3.02 -14.22 -12.64
N GLY A 228 2.39 -13.07 -12.42
CA GLY A 228 2.97 -11.83 -12.91
C GLY A 228 3.86 -11.28 -11.76
N LEU A 229 4.88 -10.54 -12.10
CA LEU A 229 5.82 -9.97 -11.14
C LEU A 229 5.79 -8.46 -11.20
N GLY A 230 4.58 -7.91 -11.22
CA GLY A 230 4.36 -6.47 -11.36
C GLY A 230 3.92 -6.19 -12.80
N PRO A 231 3.44 -4.98 -13.06
CA PRO A 231 2.92 -4.60 -14.37
C PRO A 231 4.00 -4.21 -15.36
N ARG A 232 5.23 -4.00 -14.86
CA ARG A 232 6.28 -3.58 -15.80
C ARG A 232 6.93 -4.83 -16.40
N ILE A 233 7.31 -4.77 -17.68
CA ILE A 233 8.01 -5.90 -18.31
C ILE A 233 9.50 -5.91 -17.99
N LEU A 234 9.95 -7.02 -17.42
CA LEU A 234 11.27 -7.26 -16.90
C LEU A 234 12.18 -8.10 -17.77
N ARG A 235 13.46 -7.73 -17.85
CA ARG A 235 14.42 -8.51 -18.63
C ARG A 235 14.72 -9.82 -17.92
N THR A 236 15.26 -10.82 -18.64
CA THR A 236 15.54 -12.10 -18.08
C THR A 236 16.46 -12.11 -16.89
N GLU A 237 17.41 -11.19 -16.90
CA GLU A 237 18.36 -11.03 -15.82
C GLU A 237 17.72 -10.25 -14.66
N THR A 238 16.62 -9.56 -14.92
CA THR A 238 15.91 -8.75 -13.92
C THR A 238 14.83 -9.47 -13.17
N ALA A 239 14.01 -10.28 -13.81
CA ALA A 239 12.91 -11.02 -13.21
C ALA A 239 13.22 -11.79 -11.95
N PRO A 240 14.23 -12.64 -11.93
CA PRO A 240 14.59 -13.41 -10.76
C PRO A 240 15.07 -12.56 -9.59
N LEU A 241 15.62 -11.39 -9.87
CA LEU A 241 16.12 -10.48 -8.86
C LEU A 241 14.96 -9.88 -8.07
N TYR A 242 13.96 -9.39 -8.80
CA TYR A 242 12.70 -8.95 -8.22
C TYR A 242 12.10 -10.06 -7.35
N ALA A 243 11.95 -11.24 -7.98
CA ALA A 243 11.42 -12.37 -7.24
C ALA A 243 12.17 -12.67 -5.96
N LEU A 244 13.50 -12.70 -5.95
CA LEU A 244 14.17 -13.09 -4.70
C LEU A 244 13.99 -11.97 -3.67
N SER A 245 14.08 -10.73 -4.15
CA SER A 245 13.94 -9.57 -3.31
C SER A 245 12.56 -9.49 -2.68
N ALA A 246 11.52 -9.79 -3.42
CA ALA A 246 10.16 -9.84 -2.86
C ALA A 246 10.07 -10.94 -1.81
N ILE A 247 10.62 -12.13 -2.07
CA ILE A 247 10.52 -13.21 -1.05
C ILE A 247 11.17 -12.76 0.24
N SER A 248 12.33 -12.10 0.13
CA SER A 248 13.03 -11.58 1.28
C SER A 248 12.19 -10.56 2.05
N TYR A 249 11.50 -9.70 1.30
CA TYR A 249 10.69 -8.66 1.92
C TYR A 249 9.56 -9.28 2.74
N GLN A 250 8.90 -10.27 2.15
CA GLN A 250 7.80 -10.99 2.76
C GLN A 250 8.20 -11.89 3.91
N THR A 251 9.16 -12.77 3.70
CA THR A 251 9.57 -13.73 4.73
C THR A 251 10.52 -13.15 5.75
N GLU A 252 11.21 -12.03 5.52
CA GLU A 252 12.14 -11.48 6.49
C GLU A 252 11.86 -10.06 6.98
N LEU A 253 11.28 -9.17 6.21
CA LEU A 253 11.00 -7.81 6.56
C LEU A 253 9.64 -7.57 7.17
N LEU A 254 8.64 -8.34 6.77
CA LEU A 254 7.29 -8.27 7.29
C LEU A 254 7.13 -9.34 8.39
N ARG A 255 7.77 -10.48 8.15
CA ARG A 255 7.67 -11.57 9.13
C ARG A 255 8.89 -11.60 10.02
N GLN B 4 6.02 -2.69 -30.67
CA GLN B 4 6.91 -1.54 -30.64
C GLN B 4 6.28 -0.41 -29.81
N ARG B 5 7.12 0.31 -29.11
CA ARG B 5 6.69 1.36 -28.19
C ARG B 5 7.69 2.49 -28.18
N TYR B 6 7.21 3.72 -28.50
CA TYR B 6 8.08 4.87 -28.56
C TYR B 6 7.54 6.07 -27.77
N PHE B 7 8.42 6.79 -27.10
CA PHE B 7 8.06 8.02 -26.42
C PHE B 7 8.15 9.21 -27.38
N ILE B 8 7.08 9.95 -27.47
CA ILE B 8 7.02 11.16 -28.31
C ILE B 8 6.80 12.37 -27.43
N GLU B 9 7.18 13.58 -27.83
CA GLU B 9 7.06 14.73 -26.94
C GLU B 9 5.73 15.42 -26.92
N LEU B 10 4.97 15.32 -28.01
CA LEU B 10 3.66 15.97 -28.01
C LEU B 10 2.83 15.41 -26.86
N THR B 11 2.05 16.26 -26.23
CA THR B 11 1.17 15.81 -25.15
C THR B 11 -0.09 15.21 -25.82
N LYS B 12 -1.11 14.91 -25.04
CA LYS B 12 -2.34 14.36 -25.61
C LYS B 12 -3.11 15.42 -26.38
N GLN B 42 1.27 -1.53 -36.98
CA GLN B 42 0.82 -0.67 -35.88
C GLN B 42 1.79 -0.70 -34.71
N ILE B 43 1.96 0.45 -34.07
CA ILE B 43 2.85 0.61 -32.93
C ILE B 43 2.11 1.02 -31.65
N ILE B 44 2.87 1.40 -30.64
CA ILE B 44 2.38 1.93 -29.39
C ILE B 44 3.17 3.24 -29.12
N CYS B 45 2.46 4.31 -28.84
CA CYS B 45 3.08 5.59 -28.56
C CYS B 45 2.72 6.06 -27.16
N CYS B 46 3.57 6.87 -26.55
CA CYS B 46 3.36 7.36 -25.20
C CYS B 46 3.69 8.84 -25.12
N SER B 47 2.66 9.66 -24.91
CA SER B 47 2.82 11.10 -24.83
C SER B 47 3.81 11.47 -23.73
N GLN B 48 4.23 12.72 -23.75
CA GLN B 48 5.13 13.31 -22.79
C GLN B 48 4.50 13.39 -21.41
N ASP B 49 3.18 13.50 -21.35
CA ASP B 49 2.44 13.56 -20.11
C ASP B 49 2.01 12.19 -19.62
N GLY B 50 2.45 11.12 -20.30
CA GLY B 50 2.19 9.78 -19.90
C GLY B 50 0.95 9.08 -20.37
N PHE B 51 0.40 9.47 -21.50
CA PHE B 51 -0.78 8.76 -22.01
C PHE B 51 -0.40 7.83 -23.13
N GLU B 52 -0.61 6.53 -22.94
CA GLU B 52 -0.28 5.50 -23.90
C GLU B 52 -1.32 5.36 -24.99
N ALA B 53 -0.90 5.15 -26.25
CA ALA B 53 -1.85 4.99 -27.34
C ALA B 53 -1.44 3.96 -28.39
N LYS B 54 -2.43 3.27 -28.96
CA LYS B 54 -2.20 2.31 -30.03
C LYS B 54 -2.43 3.02 -31.37
N CYS B 55 -1.41 3.05 -32.21
CA CYS B 55 -1.48 3.79 -33.47
C CYS B 55 -1.22 3.00 -34.71
N CYS B 67 1.08 9.20 -38.41
CA CYS B 67 0.45 8.22 -37.55
C CYS B 67 -1.00 8.58 -37.22
N LEU B 68 -1.77 7.51 -37.00
CA LEU B 68 -3.16 7.66 -36.62
C LEU B 68 -3.41 7.03 -35.25
N VAL B 69 -3.99 7.82 -34.34
CA VAL B 69 -4.30 7.33 -33.00
C VAL B 69 -5.59 6.51 -33.06
N ILE B 70 -5.46 5.18 -32.98
CA ILE B 70 -6.66 4.35 -33.05
C ILE B 70 -7.30 4.13 -31.70
N GLU B 71 -6.54 4.10 -30.60
CA GLU B 71 -7.13 3.93 -29.29
C GLU B 71 -6.20 4.30 -28.14
N TRP B 72 -6.79 4.86 -27.09
CA TRP B 72 -6.04 5.16 -25.87
C TRP B 72 -6.25 3.98 -24.92
N THR B 73 -5.14 3.31 -24.63
CA THR B 73 -5.12 2.14 -23.78
C THR B 73 -5.64 2.36 -22.37
N ASN B 74 -5.42 3.49 -21.75
CA ASN B 74 -5.81 3.82 -20.39
C ASN B 74 -4.90 3.15 -19.34
N GLU B 75 -3.91 2.42 -19.80
CA GLU B 75 -2.96 1.71 -19.02
C GLU B 75 -1.84 2.54 -18.44
N ASN B 76 -1.63 2.36 -17.15
CA ASN B 76 -0.57 3.05 -16.46
C ASN B 76 0.22 2.03 -15.65
N ARG B 77 1.53 1.93 -15.86
CA ARG B 77 2.27 0.88 -15.14
C ARG B 77 3.30 1.42 -14.15
N GLU B 78 3.18 2.67 -13.78
CA GLU B 78 4.03 3.34 -12.84
C GLU B 78 3.72 2.91 -11.41
N LEU B 79 4.70 3.01 -10.54
CA LEU B 79 4.54 2.61 -9.15
C LEU B 79 3.66 3.65 -8.44
N PRO B 80 2.89 3.22 -7.46
CA PRO B 80 2.04 4.13 -6.72
C PRO B 80 2.78 5.24 -6.02
N ILE B 81 4.06 5.11 -5.71
CA ILE B 81 4.79 6.20 -5.06
C ILE B 81 6.01 6.62 -5.88
N LYS B 82 6.43 7.86 -5.72
CA LYS B 82 7.58 8.39 -6.47
C LYS B 82 8.87 8.03 -5.75
N VAL B 83 9.66 7.11 -6.34
CA VAL B 83 10.88 6.67 -5.66
C VAL B 83 12.11 7.23 -6.33
N TYR B 84 12.86 8.05 -5.59
CA TYR B 84 14.07 8.68 -6.10
C TYR B 84 15.29 7.87 -5.60
N ILE B 85 16.09 7.43 -6.57
CA ILE B 85 17.26 6.62 -6.28
C ILE B 85 18.50 7.48 -6.24
N ALA B 86 19.03 7.66 -5.03
CA ALA B 86 20.26 8.39 -4.85
C ALA B 86 21.40 7.41 -4.54
N SER B 87 22.29 7.26 -5.50
CA SER B 87 23.42 6.37 -5.32
C SER B 87 24.76 7.07 -5.39
N GLY B 88 25.60 6.68 -4.41
CA GLY B 88 26.98 7.18 -4.37
C GLY B 88 27.69 6.65 -5.63
N LEU B 89 28.36 7.52 -6.34
CA LEU B 89 29.01 7.12 -7.60
C LEU B 89 29.83 5.85 -7.44
N PRO B 90 29.48 4.81 -8.16
CA PRO B 90 30.20 3.53 -8.13
C PRO B 90 31.27 3.50 -9.22
N LYS B 91 32.00 2.40 -9.32
CA LYS B 91 33.05 2.20 -10.28
C LYS B 91 32.58 1.62 -11.60
N GLY B 92 33.54 1.48 -12.53
CA GLY B 92 33.27 0.86 -13.84
C GLY B 92 31.99 1.40 -14.45
N ASP B 93 31.09 0.51 -14.86
CA ASP B 93 29.81 0.94 -15.43
C ASP B 93 28.61 0.56 -14.56
N LYS B 94 28.81 0.42 -13.25
CA LYS B 94 27.73 0.09 -12.33
C LYS B 94 26.54 1.01 -12.33
N LEU B 95 26.71 2.32 -12.43
CA LEU B 95 25.63 3.27 -12.49
C LEU B 95 24.79 3.09 -13.77
N GLU B 96 25.39 2.63 -14.85
CA GLU B 96 24.62 2.33 -16.06
C GLU B 96 23.62 1.20 -15.73
N TRP B 97 24.13 0.16 -15.08
CA TRP B 97 23.35 -0.96 -14.64
C TRP B 97 22.19 -0.49 -13.72
N ILE B 98 22.47 0.30 -12.70
CA ILE B 98 21.44 0.81 -11.81
C ILE B 98 20.34 1.56 -12.57
N ILE B 99 20.69 2.39 -13.55
CA ILE B 99 19.73 3.19 -14.28
C ILE B 99 18.76 2.29 -15.05
N GLN B 100 19.37 1.34 -15.75
CA GLN B 100 18.63 0.41 -16.56
C GLN B 100 17.68 -0.45 -15.75
N LYS B 101 18.22 -1.23 -14.82
CA LYS B 101 17.41 -2.13 -14.03
C LYS B 101 16.41 -1.37 -13.19
N GLY B 102 16.82 -0.24 -12.65
CA GLY B 102 15.97 0.58 -11.80
C GLY B 102 14.85 1.25 -12.54
N THR B 103 15.05 1.51 -13.82
CA THR B 103 13.95 2.09 -14.65
C THR B 103 12.94 1.01 -14.96
N GLU B 104 13.43 -0.24 -15.14
CA GLU B 104 12.46 -1.31 -15.40
C GLU B 104 11.73 -1.68 -14.14
N LEU B 105 12.23 -1.31 -12.95
CA LEU B 105 11.65 -1.64 -11.70
C LEU B 105 10.86 -0.51 -11.06
N GLY B 106 10.59 0.58 -11.75
CA GLY B 106 9.85 1.70 -11.31
C GLY B 106 10.50 2.96 -10.84
N ALA B 107 11.83 3.12 -10.86
CA ALA B 107 12.39 4.37 -10.33
C ALA B 107 11.79 5.58 -11.02
N HIS B 108 11.39 6.60 -10.25
CA HIS B 108 10.88 7.81 -10.86
C HIS B 108 12.03 8.70 -11.36
N ALA B 109 13.19 8.55 -10.70
CA ALA B 109 14.33 9.41 -10.97
C ALA B 109 15.58 8.95 -10.21
N PHE B 110 16.73 9.29 -10.78
CA PHE B 110 18.04 8.94 -10.30
C PHE B 110 18.88 10.13 -9.93
N ILE B 111 19.53 10.09 -8.77
CA ILE B 111 20.36 11.20 -8.31
C ILE B 111 21.75 10.73 -7.91
N PRO B 112 22.66 10.67 -8.86
CA PRO B 112 24.05 10.29 -8.62
C PRO B 112 24.77 11.36 -7.81
N PHE B 113 25.54 10.98 -6.79
CA PHE B 113 26.24 11.98 -5.99
C PHE B 113 27.62 11.50 -5.61
N GLN B 114 28.47 12.45 -5.19
CA GLN B 114 29.84 12.08 -4.83
C GLN B 114 29.81 11.62 -3.35
N ALA B 115 30.11 10.36 -3.13
CA ALA B 115 30.15 9.82 -1.77
C ALA B 115 31.57 9.95 -1.23
N ALA B 116 31.73 9.76 0.08
CA ALA B 116 33.06 9.80 0.64
C ALA B 116 33.90 8.68 0.05
N ARG B 117 33.33 7.48 -0.10
CA ARG B 117 34.16 6.40 -0.66
C ARG B 117 34.09 6.33 -2.16
N SER B 118 33.53 7.37 -2.79
CA SER B 118 33.48 7.32 -4.24
C SER B 118 34.83 7.64 -4.86
N VAL B 119 35.26 6.79 -5.74
CA VAL B 119 36.54 6.98 -6.46
C VAL B 119 36.22 7.57 -7.82
N VAL B 120 35.55 8.72 -7.85
CA VAL B 120 35.09 9.26 -9.15
C VAL B 120 35.10 10.77 -9.14
N ARG B 131 26.39 11.27 -18.94
CA ARG B 131 25.12 11.95 -18.57
C ARG B 131 24.14 11.77 -19.72
N GLU B 132 24.66 12.05 -20.92
CA GLU B 132 23.91 11.89 -22.16
C GLU B 132 23.67 10.41 -22.40
N ARG B 133 24.69 9.60 -22.13
CA ARG B 133 24.53 8.15 -22.29
C ARG B 133 23.51 7.61 -21.28
N TRP B 134 23.55 8.11 -20.05
CA TRP B 134 22.70 7.74 -18.94
C TRP B 134 21.20 7.96 -19.22
N THR B 135 20.94 9.09 -19.82
CA THR B 135 19.63 9.52 -20.27
C THR B 135 19.13 8.57 -21.37
N LYS B 136 20.05 8.17 -22.26
CA LYS B 136 19.74 7.24 -23.34
C LYS B 136 19.43 5.87 -22.76
N ILE B 137 20.20 5.42 -21.78
CA ILE B 137 19.93 4.16 -21.09
C ILE B 137 18.57 4.19 -20.40
N ALA B 138 18.20 5.29 -19.78
CA ALA B 138 16.89 5.44 -19.15
C ALA B 138 15.78 5.27 -20.18
N LYS B 139 15.75 6.11 -21.20
CA LYS B 139 14.74 6.06 -22.23
C LYS B 139 14.54 4.69 -22.84
N GLU B 140 15.63 4.01 -23.19
CA GLU B 140 15.52 2.69 -23.81
C GLU B 140 14.94 1.67 -22.83
N ALA B 141 15.38 1.80 -21.55
CA ALA B 141 14.89 0.94 -20.48
C ALA B 141 13.40 1.22 -20.27
N ALA B 142 13.02 2.52 -20.35
CA ALA B 142 11.61 2.85 -20.26
C ALA B 142 10.85 2.22 -21.41
N GLU B 143 11.36 2.37 -22.63
CA GLU B 143 10.73 1.82 -23.80
C GLU B 143 10.36 0.36 -23.65
N GLN B 144 11.34 -0.50 -23.49
CA GLN B 144 11.19 -1.92 -23.35
C GLN B 144 10.36 -2.40 -22.18
N SER B 145 10.26 -1.67 -21.07
CA SER B 145 9.52 -2.13 -19.92
C SER B 145 8.10 -1.63 -19.84
N TYR B 146 7.66 -0.81 -20.77
CA TYR B 146 6.32 -0.28 -20.87
C TYR B 146 5.99 0.71 -19.78
N ARG B 147 7.00 1.47 -19.38
CA ARG B 147 6.81 2.55 -18.40
C ARG B 147 6.00 3.60 -19.15
N ASN B 148 5.43 4.54 -18.45
CA ASN B 148 4.64 5.59 -19.09
C ASN B 148 5.46 6.89 -19.05
N GLU B 149 6.55 6.80 -18.33
CA GLU B 149 7.46 7.87 -17.98
C GLU B 149 8.93 7.48 -18.16
N VAL B 150 9.72 8.40 -18.66
CA VAL B 150 11.15 8.22 -18.79
C VAL B 150 11.76 8.90 -17.56
N PRO B 151 12.39 8.10 -16.71
CA PRO B 151 12.94 8.67 -15.49
C PRO B 151 14.06 9.62 -15.85
N ARG B 152 14.19 10.69 -15.11
CA ARG B 152 15.31 11.59 -15.36
C ARG B 152 16.46 11.35 -14.38
N VAL B 153 17.68 11.36 -14.85
CA VAL B 153 18.92 11.22 -14.13
C VAL B 153 19.50 12.64 -13.93
N MSE B 154 19.49 13.10 -12.71
CA MSE B 154 19.98 14.42 -12.36
C MSE B 154 21.49 14.52 -12.48
O MSE B 154 22.21 13.53 -12.62
CB MSE B 154 19.50 14.77 -10.96
CG MSE B 154 17.98 14.96 -10.91
SE MSE B 154 17.43 15.51 -9.17
CE MSE B 154 15.60 15.04 -9.15
N ASP B 155 21.94 15.78 -12.50
CA ASP B 155 23.36 16.07 -12.57
C ASP B 155 24.03 15.48 -11.33
N VAL B 156 25.30 15.07 -11.48
CA VAL B 156 25.92 14.52 -10.29
C VAL B 156 26.01 15.64 -9.26
N HIS B 157 25.49 15.37 -8.08
CA HIS B 157 25.49 16.26 -6.95
C HIS B 157 26.72 15.97 -6.07
N SER B 158 27.04 16.94 -5.24
CA SER B 158 28.03 16.65 -4.17
C SER B 158 27.18 16.20 -2.97
N PHE B 159 27.76 15.72 -1.91
CA PHE B 159 27.08 15.34 -0.71
C PHE B 159 26.23 16.47 -0.16
N GLN B 160 26.76 17.67 -0.09
CA GLN B 160 26.08 18.88 0.36
C GLN B 160 24.79 19.14 -0.42
N GLN B 161 24.92 19.12 -1.76
CA GLN B 161 23.75 19.28 -2.61
C GLN B 161 22.71 18.22 -2.29
N LEU B 162 23.17 16.96 -2.08
CA LEU B 162 22.28 15.90 -1.68
C LEU B 162 21.51 16.31 -0.42
N LEU B 163 22.19 16.77 0.61
CA LEU B 163 21.57 17.19 1.85
C LEU B 163 20.55 18.31 1.71
N GLN B 164 20.86 19.32 0.91
CA GLN B 164 19.97 20.46 0.70
C GLN B 164 18.70 20.05 -0.03
N ARG B 165 18.75 18.96 -0.76
CA ARG B 165 17.64 18.48 -1.57
C ARG B 165 16.71 17.58 -0.78
N MSE B 166 17.15 17.04 0.34
CA MSE B 166 16.35 16.15 1.14
C MSE B 166 15.04 16.71 1.66
O MSE B 166 14.07 15.97 1.80
CB MSE B 166 17.18 15.59 2.32
CG MSE B 166 18.01 14.38 1.91
SE MSE B 166 19.28 13.89 3.26
CE MSE B 166 18.14 13.01 4.52
N GLN B 167 14.97 17.99 1.97
CA GLN B 167 13.75 18.59 2.51
C GLN B 167 12.57 18.43 1.55
N ASP B 168 12.79 18.41 0.25
CA ASP B 168 11.80 18.28 -0.75
C ASP B 168 10.93 17.02 -0.57
N PHE B 169 11.53 15.93 -0.16
CA PHE B 169 10.87 14.64 -0.11
C PHE B 169 9.95 14.41 1.05
N ASP B 170 8.95 13.55 0.83
CA ASP B 170 8.02 13.23 1.93
C ASP B 170 8.74 12.35 2.94
N LYS B 171 9.62 11.46 2.46
CA LYS B 171 10.31 10.60 3.42
C LYS B 171 11.65 10.19 2.87
N CYS B 172 12.68 10.17 3.71
CA CYS B 172 14.02 9.82 3.30
C CYS B 172 14.51 8.56 4.05
N VAL B 173 14.92 7.58 3.29
CA VAL B 173 15.46 6.35 3.84
C VAL B 173 16.94 6.23 3.51
N VAL B 174 17.73 5.87 4.51
CA VAL B 174 19.16 5.66 4.30
C VAL B 174 19.44 4.16 4.33
N ALA B 175 19.94 3.63 3.23
CA ALA B 175 20.19 2.16 3.19
C ALA B 175 21.48 1.90 3.95
N TYR B 176 21.28 1.49 5.18
CA TYR B 176 22.37 1.33 6.15
C TYR B 176 21.80 0.73 7.42
N GLU B 177 22.58 -0.12 8.05
CA GLU B 177 22.14 -0.63 9.38
C GLU B 177 23.27 -0.52 10.40
N GLU B 178 23.10 0.16 11.52
CA GLU B 178 24.13 0.10 12.58
C GLU B 178 23.64 -0.79 13.75
N SER B 179 22.33 -0.76 14.00
CA SER B 179 21.74 -1.49 15.12
C SER B 179 22.20 -2.94 15.15
N SER B 186 14.03 -3.31 11.43
CA SER B 186 14.26 -2.40 10.31
C SER B 186 12.93 -1.68 10.00
N ALA B 187 12.94 -0.35 10.07
CA ALA B 187 11.73 0.42 9.86
C ALA B 187 11.32 0.55 8.42
N PHE B 188 11.94 -0.12 7.43
CA PHE B 188 11.67 -0.04 6.02
C PHE B 188 10.26 -0.43 5.60
N SER B 189 9.80 -1.61 6.01
CA SER B 189 8.42 -1.99 5.64
C SER B 189 7.43 -1.03 6.28
N ALA B 190 7.70 -0.62 7.54
CA ALA B 190 6.80 0.31 8.21
C ALA B 190 6.63 1.59 7.42
N ILE B 191 7.71 2.20 6.97
CA ILE B 191 7.69 3.40 6.16
C ILE B 191 6.98 3.21 4.83
N VAL B 192 7.37 2.22 4.03
CA VAL B 192 6.79 2.09 2.69
C VAL B 192 5.32 1.74 2.72
N SER B 193 4.91 0.97 3.72
CA SER B 193 3.55 0.52 3.92
C SER B 193 2.64 1.69 4.26
N SER B 194 3.22 2.72 4.83
CA SER B 194 2.54 3.91 5.26
C SER B 194 2.60 5.10 4.34
N LEU B 195 3.34 5.07 3.23
CA LEU B 195 3.31 6.23 2.33
C LEU B 195 2.02 6.20 1.49
N PRO B 196 1.30 7.30 1.49
CA PRO B 196 0.07 7.39 0.71
C PRO B 196 0.38 7.48 -0.77
N LYS B 197 -0.46 6.94 -1.64
CA LYS B 197 -0.27 7.07 -3.08
C LYS B 197 0.07 8.52 -3.46
N GLY B 198 1.05 8.64 -4.35
CA GLY B 198 1.46 9.93 -4.86
C GLY B 198 2.55 10.58 -4.08
N SER B 199 2.94 9.97 -2.92
CA SER B 199 4.00 10.58 -2.12
C SER B 199 5.38 10.30 -2.70
N SER B 200 6.36 11.01 -2.17
CA SER B 200 7.73 10.96 -2.62
C SER B 200 8.61 10.19 -1.65
N LEU B 201 9.50 9.36 -2.15
CA LEU B 201 10.42 8.62 -1.31
C LEU B 201 11.85 8.68 -1.86
N LEU B 202 12.77 9.26 -1.11
CA LEU B 202 14.18 9.26 -1.52
C LEU B 202 14.86 8.13 -0.71
N ILE B 203 15.62 7.31 -1.37
CA ILE B 203 16.38 6.25 -0.71
C ILE B 203 17.87 6.48 -1.03
N VAL B 204 18.72 6.59 -0.01
CA VAL B 204 20.14 6.82 -0.22
C VAL B 204 21.02 5.57 -0.11
N PHE B 205 21.91 5.37 -1.09
CA PHE B 205 22.80 4.23 -1.16
C PHE B 205 24.26 4.64 -1.36
N GLY B 206 25.17 4.06 -0.56
CA GLY B 206 26.59 4.34 -0.70
C GLY B 206 27.18 3.59 -1.88
N PRO B 207 28.42 3.92 -2.25
CA PRO B 207 29.13 3.26 -3.34
C PRO B 207 29.75 1.95 -2.84
N GLU B 208 30.67 1.39 -3.61
CA GLU B 208 31.37 0.19 -3.08
C GLU B 208 31.95 0.53 -1.71
N GLY B 209 31.75 -0.27 -0.66
CA GLY B 209 32.44 0.14 0.60
C GLY B 209 31.43 0.74 1.55
N GLY B 210 30.39 1.39 1.03
CA GLY B 210 29.29 1.90 1.74
C GLY B 210 29.30 3.31 2.21
N LEU B 211 28.14 3.73 2.81
CA LEU B 211 28.07 5.09 3.29
C LEU B 211 29.03 5.13 4.49
N THR B 212 29.46 6.31 4.84
CA THR B 212 30.37 6.44 6.00
C THR B 212 29.58 6.84 7.21
N GLU B 213 29.97 6.39 8.37
CA GLU B 213 29.35 6.77 9.64
C GLU B 213 29.16 8.27 9.70
N ALA B 214 30.18 9.08 9.36
CA ALA B 214 30.04 10.53 9.34
C ALA B 214 28.88 10.96 8.45
N GLU B 215 28.79 10.40 7.27
CA GLU B 215 27.76 10.68 6.28
C GLU B 215 26.39 10.31 6.82
N VAL B 216 26.27 9.13 7.46
CA VAL B 216 25.00 8.69 7.99
C VAL B 216 24.44 9.69 9.00
N GLU B 217 25.33 10.14 9.87
CA GLU B 217 25.05 11.13 10.90
C GLU B 217 24.45 12.41 10.35
N ARG B 218 25.04 12.94 9.29
CA ARG B 218 24.53 14.12 8.61
C ARG B 218 23.23 13.85 7.85
N LEU B 219 23.01 12.63 7.37
CA LEU B 219 21.76 12.32 6.72
C LEU B 219 20.66 12.18 7.79
N THR B 220 21.05 11.74 8.97
CA THR B 220 20.11 11.58 10.10
C THR B 220 19.74 12.93 10.69
N GLU B 221 20.68 13.89 10.65
CA GLU B 221 20.41 15.25 11.07
C GLU B 221 19.32 15.86 10.17
N GLN B 222 19.27 15.46 8.90
CA GLN B 222 18.28 15.92 7.95
C GLN B 222 17.03 15.06 7.85
N ASP B 223 16.79 14.20 8.80
CA ASP B 223 15.60 13.40 8.90
C ASP B 223 15.54 12.12 8.11
N GLY B 224 16.63 11.70 7.49
CA GLY B 224 16.61 10.38 6.80
C GLY B 224 16.66 9.33 7.93
N VAL B 225 16.07 8.18 7.66
CA VAL B 225 16.00 7.09 8.63
C VAL B 225 16.81 5.91 8.10
N THR B 226 17.67 5.36 8.96
CA THR B 226 18.50 4.23 8.55
C THR B 226 17.67 2.96 8.56
N CYS B 227 17.77 2.17 7.47
CA CYS B 227 16.98 0.96 7.36
C CYS B 227 17.80 -0.12 6.65
N GLY B 228 17.80 -1.31 7.21
CA GLY B 228 18.47 -2.43 6.60
C GLY B 228 17.59 -2.96 5.45
N LEU B 229 18.20 -3.72 4.58
CA LEU B 229 17.52 -4.26 3.38
C LEU B 229 17.71 -5.77 3.40
N GLY B 230 17.43 -6.34 4.59
CA GLY B 230 17.64 -7.78 4.76
C GLY B 230 19.01 -8.02 5.39
N PRO B 231 19.23 -9.25 5.86
CA PRO B 231 20.47 -9.65 6.48
C PRO B 231 21.60 -10.02 5.53
N ARG B 232 21.42 -10.07 4.21
CA ARG B 232 22.60 -10.38 3.37
C ARG B 232 23.31 -9.14 2.88
N ILE B 233 24.64 -9.14 2.86
CA ILE B 233 25.31 -7.93 2.35
C ILE B 233 25.14 -7.85 0.82
N LEU B 234 24.48 -6.81 0.40
CA LEU B 234 24.21 -6.45 -0.97
C LEU B 234 25.29 -5.59 -1.60
N ARG B 235 25.69 -5.85 -2.85
CA ARG B 235 26.66 -4.98 -3.53
C ARG B 235 25.96 -3.64 -3.84
N THR B 236 26.74 -2.66 -4.26
CA THR B 236 26.33 -1.32 -4.53
C THR B 236 25.32 -1.23 -5.67
N GLU B 237 25.35 -2.14 -6.60
CA GLU B 237 24.38 -2.12 -7.70
C GLU B 237 23.19 -3.03 -7.43
N THR B 238 23.28 -3.86 -6.39
CA THR B 238 22.16 -4.75 -6.07
C THR B 238 21.14 -4.08 -5.15
N ALA B 239 21.61 -3.19 -4.26
CA ALA B 239 20.72 -2.64 -3.27
C ALA B 239 19.50 -1.92 -3.81
N PRO B 240 19.64 -0.97 -4.72
CA PRO B 240 18.50 -0.27 -5.27
C PRO B 240 17.53 -1.22 -5.94
N LEU B 241 18.00 -2.32 -6.53
CA LEU B 241 17.05 -3.20 -7.20
C LEU B 241 16.18 -3.93 -6.17
N TYR B 242 16.73 -4.25 -5.02
CA TYR B 242 16.01 -4.90 -3.95
C TYR B 242 14.93 -3.95 -3.41
N ALA B 243 15.34 -2.70 -3.09
CA ALA B 243 14.41 -1.75 -2.52
C ALA B 243 13.20 -1.55 -3.43
N LEU B 244 13.43 -1.28 -4.71
CA LEU B 244 12.41 -1.10 -5.70
C LEU B 244 11.52 -2.35 -5.84
N SER B 245 12.12 -3.53 -5.78
CA SER B 245 11.35 -4.75 -5.92
C SER B 245 10.41 -4.93 -4.72
N ALA B 246 10.99 -4.71 -3.54
CA ALA B 246 10.26 -4.80 -2.29
C ALA B 246 9.10 -3.80 -2.35
N ILE B 247 9.40 -2.58 -2.85
CA ILE B 247 8.34 -1.58 -2.96
C ILE B 247 7.19 -2.00 -3.84
N SER B 248 7.41 -2.55 -5.01
CA SER B 248 6.40 -3.04 -5.92
C SER B 248 5.60 -4.17 -5.25
N TYR B 249 6.36 -5.02 -4.50
CA TYR B 249 5.71 -6.12 -3.80
C TYR B 249 4.66 -5.61 -2.81
N GLN B 250 4.99 -4.74 -1.90
CA GLN B 250 4.14 -4.12 -0.93
C GLN B 250 2.95 -3.35 -1.54
N THR B 251 3.22 -2.38 -2.39
CA THR B 251 2.23 -1.48 -2.93
C THR B 251 1.46 -1.96 -4.15
N GLU B 252 1.88 -3.06 -4.76
CA GLU B 252 1.28 -3.55 -5.98
C GLU B 252 0.85 -4.99 -5.91
N LEU B 253 1.56 -5.91 -5.27
CA LEU B 253 1.15 -7.32 -5.30
C LEU B 253 0.34 -7.67 -4.05
N LEU B 254 0.64 -6.99 -2.95
CA LEU B 254 -0.08 -7.21 -1.70
C LEU B 254 -1.29 -6.27 -1.68
N ARG B 255 -1.17 -5.11 -2.31
CA ARG B 255 -2.21 -4.13 -2.45
C ARG B 255 -2.80 -4.13 -3.88
N GLN C 4 -20.17 7.96 -14.29
CA GLN C 4 -21.56 8.25 -14.14
C GLN C 4 -21.87 9.66 -13.68
N ARG C 5 -21.29 10.17 -12.60
CA ARG C 5 -21.62 11.53 -12.17
C ARG C 5 -20.47 12.51 -12.45
N TYR C 6 -20.82 13.63 -13.09
CA TYR C 6 -19.86 14.65 -13.45
C TYR C 6 -20.31 16.01 -12.94
N PHE C 7 -19.37 16.80 -12.42
CA PHE C 7 -19.69 18.16 -11.97
C PHE C 7 -19.46 19.12 -13.11
N ILE C 8 -20.50 19.78 -13.60
CA ILE C 8 -20.29 20.66 -14.78
C ILE C 8 -20.09 22.10 -14.40
N GLU C 9 -19.16 22.80 -15.04
CA GLU C 9 -18.89 24.20 -14.74
C GLU C 9 -19.92 25.17 -15.30
N LEU C 10 -21.17 24.79 -15.31
CA LEU C 10 -22.27 25.60 -15.77
C LEU C 10 -23.30 25.71 -14.63
N THR C 11 -23.95 26.84 -14.67
CA THR C 11 -25.02 27.18 -13.73
C THR C 11 -26.27 26.49 -14.26
N LYS C 12 -27.29 26.24 -13.46
CA LYS C 12 -28.50 25.63 -13.98
C LYS C 12 -29.02 26.35 -15.22
N GLN C 13 -29.12 27.69 -15.14
CA GLN C 13 -29.59 28.51 -16.23
C GLN C 13 -28.72 28.46 -17.45
N GLN C 14 -27.40 28.57 -17.35
CA GLN C 14 -26.62 28.46 -18.60
C GLN C 14 -27.00 27.17 -19.31
N ILE C 15 -26.95 26.02 -18.63
CA ILE C 15 -27.36 24.74 -19.21
C ILE C 15 -28.64 24.87 -20.00
N GLU C 16 -29.67 25.48 -19.42
CA GLU C 16 -30.94 25.65 -20.09
C GLU C 16 -30.91 26.65 -21.23
N GLU C 17 -29.90 27.47 -21.38
CA GLU C 17 -29.85 28.51 -22.40
C GLU C 17 -29.77 27.99 -23.81
N ALA C 18 -29.38 26.73 -24.02
CA ALA C 18 -29.33 26.14 -25.35
C ALA C 18 -29.91 24.73 -25.35
N PRO C 19 -30.20 24.21 -26.53
CA PRO C 19 -30.74 22.87 -26.68
C PRO C 19 -29.82 21.80 -26.15
N THR C 20 -28.51 22.00 -26.25
CA THR C 20 -27.55 21.06 -25.73
C THR C 20 -26.34 21.80 -25.14
N PHE C 21 -25.69 21.19 -24.16
CA PHE C 21 -24.52 21.84 -23.54
C PHE C 21 -23.33 20.93 -23.73
N SER C 22 -22.11 21.43 -23.55
CA SER C 22 -20.99 20.51 -23.79
C SER C 22 -20.04 20.43 -22.60
N ILE C 23 -19.29 19.33 -22.64
CA ILE C 23 -18.25 19.03 -21.67
C ILE C 23 -16.91 19.03 -22.43
N THR C 24 -16.02 19.88 -21.97
CA THR C 24 -14.67 20.05 -22.46
C THR C 24 -13.68 19.93 -21.29
N GLY C 25 -12.53 19.31 -21.51
CA GLY C 25 -11.53 19.19 -20.48
C GLY C 25 -11.23 17.78 -20.00
N GLU C 26 -11.10 17.63 -18.70
CA GLU C 26 -10.77 16.39 -18.02
C GLU C 26 -11.84 15.31 -18.22
N GLU C 27 -13.08 15.72 -18.05
CA GLU C 27 -14.25 14.89 -18.12
C GLU C 27 -14.38 14.17 -19.44
N VAL C 28 -14.15 14.88 -20.54
CA VAL C 28 -14.31 14.26 -21.87
C VAL C 28 -13.47 13.01 -21.96
N HIS C 29 -12.21 13.18 -21.63
CA HIS C 29 -11.25 12.08 -21.62
C HIS C 29 -11.78 10.91 -20.80
N HIS C 30 -12.35 11.20 -19.64
CA HIS C 30 -12.93 10.17 -18.77
C HIS C 30 -14.14 9.52 -19.44
N ILE C 31 -15.01 10.33 -20.01
CA ILE C 31 -16.23 9.89 -20.67
C ILE C 31 -15.88 9.13 -21.97
N VAL C 32 -15.01 9.73 -22.77
CA VAL C 32 -14.61 9.21 -24.04
C VAL C 32 -13.60 8.07 -24.01
N ASN C 33 -12.46 8.33 -23.39
CA ASN C 33 -11.35 7.38 -23.40
C ASN C 33 -11.39 6.29 -22.39
N VAL C 34 -11.66 6.61 -21.13
CA VAL C 34 -11.72 5.67 -20.04
C VAL C 34 -13.03 4.92 -19.97
N MSE C 35 -14.15 5.62 -19.86
CA MSE C 35 -15.45 4.94 -19.78
C MSE C 35 -15.85 4.34 -21.13
O MSE C 35 -16.61 3.39 -21.19
CB MSE C 35 -16.54 5.89 -19.32
CG MSE C 35 -16.31 6.50 -17.96
SE MSE C 35 -15.89 5.22 -16.61
CE MSE C 35 -17.48 4.19 -16.54
N ARG C 36 -15.38 4.96 -22.20
CA ARG C 36 -15.67 4.52 -23.55
C ARG C 36 -17.14 4.67 -23.90
N MSE C 37 -17.70 5.84 -23.68
CA MSE C 37 -19.12 6.08 -23.93
C MSE C 37 -19.40 6.53 -25.36
O MSE C 37 -18.59 7.14 -26.03
CB MSE C 37 -19.70 7.10 -22.94
CG MSE C 37 -19.32 6.78 -21.50
SE MSE C 37 -20.51 7.60 -20.25
CE MSE C 37 -21.71 6.16 -19.91
N ASN C 38 -20.57 6.14 -25.84
CA ASN C 38 -21.01 6.47 -27.19
C ASN C 38 -22.27 7.31 -27.18
N GLU C 39 -22.64 7.91 -28.31
CA GLU C 39 -23.89 8.68 -28.36
C GLU C 39 -25.03 7.80 -27.86
N GLY C 40 -25.92 8.38 -27.08
CA GLY C 40 -27.05 7.72 -26.49
C GLY C 40 -26.84 7.22 -25.07
N ASP C 41 -25.60 7.18 -24.60
CA ASP C 41 -25.35 6.70 -23.23
C ASP C 41 -25.84 7.74 -22.23
N GLN C 42 -26.16 7.36 -21.01
CA GLN C 42 -26.64 8.28 -20.00
C GLN C 42 -25.68 8.54 -18.87
N ILE C 43 -25.62 9.81 -18.41
CA ILE C 43 -24.79 10.20 -17.30
C ILE C 43 -25.54 11.15 -16.37
N ILE C 44 -24.94 11.41 -15.19
CA ILE C 44 -25.55 12.35 -14.25
C ILE C 44 -24.65 13.57 -14.10
N CYS C 45 -25.25 14.75 -14.20
CA CYS C 45 -24.52 15.99 -14.07
C CYS C 45 -25.09 16.82 -12.93
N CYS C 46 -24.22 17.53 -12.26
CA CYS C 46 -24.69 18.45 -11.20
C CYS C 46 -24.12 19.82 -11.49
N SER C 47 -24.94 20.86 -11.61
CA SER C 47 -24.44 22.19 -12.03
C SER C 47 -23.58 22.85 -11.00
N GLN C 48 -22.99 24.03 -11.27
CA GLN C 48 -22.21 24.70 -10.23
C GLN C 48 -23.10 25.10 -9.05
N ASP C 49 -24.37 25.37 -9.28
CA ASP C 49 -25.32 25.72 -8.24
C ASP C 49 -25.89 24.52 -7.51
N GLY C 50 -25.53 23.30 -7.85
CA GLY C 50 -26.05 22.14 -7.14
C GLY C 50 -27.25 21.48 -7.72
N PHE C 51 -27.74 21.89 -8.88
CA PHE C 51 -28.87 21.20 -9.50
C PHE C 51 -28.43 19.98 -10.29
N GLU C 52 -28.97 18.84 -9.90
CA GLU C 52 -28.74 17.56 -10.53
C GLU C 52 -29.60 17.36 -11.77
N ALA C 53 -29.02 16.73 -12.79
CA ALA C 53 -29.76 16.41 -14.00
C ALA C 53 -29.33 15.07 -14.60
N LYS C 54 -30.29 14.37 -15.19
CA LYS C 54 -29.93 13.14 -15.92
C LYS C 54 -29.70 13.62 -17.37
N CYS C 55 -28.61 13.27 -18.00
CA CYS C 55 -28.30 13.69 -19.36
C CYS C 55 -28.04 12.51 -20.28
N GLU C 56 -28.15 12.77 -21.56
CA GLU C 56 -27.97 11.76 -22.62
C GLU C 56 -26.85 12.25 -23.53
N LEU C 57 -25.92 11.39 -23.90
CA LEU C 57 -24.83 11.84 -24.77
C LEU C 57 -25.31 11.95 -26.20
N GLN C 58 -25.48 13.15 -26.69
CA GLN C 58 -25.96 13.33 -28.07
C GLN C 58 -24.83 13.08 -29.05
N SER C 59 -23.68 13.67 -28.75
CA SER C 59 -22.50 13.57 -29.56
C SER C 59 -21.22 13.49 -28.72
N VAL C 60 -20.47 12.44 -28.97
CA VAL C 60 -19.20 12.20 -28.32
C VAL C 60 -18.08 12.32 -29.34
N SER C 61 -16.92 12.81 -28.91
CA SER C 61 -15.79 12.92 -29.84
C SER C 61 -14.51 13.05 -29.03
N LYS C 62 -13.37 12.99 -29.72
CA LYS C 62 -12.08 12.97 -29.09
C LYS C 62 -11.63 14.21 -28.38
N ASP C 63 -12.46 15.20 -28.13
CA ASP C 63 -12.04 16.38 -27.37
C ASP C 63 -13.25 17.19 -26.93
N LYS C 64 -14.42 16.72 -27.38
CA LYS C 64 -15.64 17.43 -27.05
C LYS C 64 -16.80 16.46 -26.90
N VAL C 65 -17.71 16.77 -25.96
CA VAL C 65 -18.90 15.94 -25.77
C VAL C 65 -20.14 16.81 -25.54
N SER C 66 -21.15 16.59 -26.38
CA SER C 66 -22.41 17.31 -26.27
C SER C 66 -23.50 16.52 -25.57
N CYS C 67 -24.12 17.15 -24.58
CA CYS C 67 -25.13 16.56 -23.76
C CYS C 67 -26.49 17.24 -23.81
N LEU C 68 -27.51 16.40 -23.67
CA LEU C 68 -28.90 16.85 -23.64
C LEU C 68 -29.47 16.49 -22.26
N VAL C 69 -30.09 17.46 -21.59
CA VAL C 69 -30.70 17.15 -20.29
C VAL C 69 -32.10 16.60 -20.53
N ILE C 70 -32.27 15.34 -20.17
CA ILE C 70 -33.51 14.62 -20.32
C ILE C 70 -34.33 14.74 -19.03
N GLU C 71 -33.68 15.20 -17.94
CA GLU C 71 -34.35 15.37 -16.69
C GLU C 71 -33.69 16.15 -15.57
N TRP C 72 -34.47 17.06 -14.95
CA TRP C 72 -34.01 17.75 -13.75
C TRP C 72 -34.61 17.00 -12.54
N THR C 73 -33.77 16.19 -11.89
CA THR C 73 -34.20 15.35 -10.80
C THR C 73 -34.81 16.09 -9.63
N ASN C 74 -34.27 17.27 -9.29
CA ASN C 74 -34.69 17.98 -8.09
C ASN C 74 -34.15 17.23 -6.87
N GLU C 75 -33.19 16.30 -7.07
CA GLU C 75 -32.63 15.61 -5.92
C GLU C 75 -31.60 16.46 -5.21
N ASN C 76 -31.78 16.61 -3.91
CA ASN C 76 -30.80 17.30 -3.11
C ASN C 76 -30.37 16.41 -1.94
N ARG C 77 -29.11 16.01 -1.99
CA ARG C 77 -28.57 15.14 -0.96
C ARG C 77 -27.55 15.78 -0.06
N GLU C 78 -27.72 17.08 0.19
CA GLU C 78 -26.80 17.82 1.05
C GLU C 78 -27.37 18.01 2.44
N LEU C 79 -26.57 17.81 3.49
CA LEU C 79 -27.07 18.01 4.85
C LEU C 79 -27.64 19.43 4.97
N PRO C 80 -28.60 19.65 5.83
CA PRO C 80 -29.18 20.98 6.01
C PRO C 80 -28.25 21.95 6.68
N ILE C 81 -27.15 21.50 7.28
CA ILE C 81 -26.17 22.40 7.86
C ILE C 81 -24.81 22.16 7.20
N LYS C 82 -23.99 23.17 7.18
CA LYS C 82 -22.65 23.24 6.64
C LYS C 82 -21.58 22.90 7.68
N VAL C 83 -21.07 21.68 7.67
CA VAL C 83 -20.07 21.32 8.68
C VAL C 83 -18.65 21.24 8.17
N TYR C 84 -17.77 21.98 8.87
CA TYR C 84 -16.36 22.02 8.53
C TYR C 84 -15.60 21.10 9.48
N ILE C 85 -14.89 20.16 8.91
CA ILE C 85 -14.11 19.20 9.68
C ILE C 85 -12.68 19.72 9.76
N ALA C 86 -12.23 20.04 10.96
CA ALA C 86 -10.81 20.52 11.10
C ALA C 86 -10.02 19.34 11.66
N SER C 87 -9.02 18.86 10.95
CA SER C 87 -8.28 17.68 11.42
C SER C 87 -6.79 17.97 11.60
N GLY C 88 -6.31 17.82 12.84
CA GLY C 88 -4.85 18.00 13.06
C GLY C 88 -4.15 16.89 12.25
N LEU C 89 -3.22 17.26 11.39
CA LEU C 89 -2.51 16.30 10.55
C LEU C 89 -2.25 14.96 11.21
N PRO C 90 -2.94 13.93 10.76
CA PRO C 90 -2.74 12.58 11.29
C PRO C 90 -1.61 11.93 10.51
N LYS C 91 -1.11 10.79 10.92
CA LYS C 91 -0.05 10.15 10.12
C LYS C 91 -0.63 9.14 9.13
N GLY C 92 0.22 8.74 8.19
CA GLY C 92 -0.11 7.77 7.16
C GLY C 92 -1.04 8.40 6.12
N ASP C 93 -2.04 7.64 5.72
CA ASP C 93 -3.07 7.99 4.79
C ASP C 93 -4.42 8.21 5.48
N LYS C 94 -4.42 8.50 6.77
CA LYS C 94 -5.63 8.76 7.53
C LYS C 94 -6.40 9.97 7.06
N LEU C 95 -5.76 11.06 6.70
CA LEU C 95 -6.46 12.24 6.23
C LEU C 95 -7.27 11.87 4.97
N GLU C 96 -6.63 11.14 4.06
CA GLU C 96 -7.23 10.69 2.81
C GLU C 96 -8.53 9.94 3.04
N TRP C 97 -8.53 9.02 3.98
CA TRP C 97 -9.70 8.31 4.48
C TRP C 97 -10.71 9.26 5.10
N ILE C 98 -10.24 10.29 5.83
CA ILE C 98 -11.15 11.27 6.45
C ILE C 98 -11.86 12.09 5.35
N ILE C 99 -11.12 12.56 4.36
CA ILE C 99 -11.70 13.35 3.27
C ILE C 99 -12.65 12.52 2.45
N GLN C 100 -12.30 11.27 2.20
CA GLN C 100 -13.16 10.39 1.43
C GLN C 100 -14.43 10.03 2.20
N LYS C 101 -14.31 9.42 3.37
CA LYS C 101 -15.50 9.01 4.13
C LYS C 101 -16.29 10.25 4.55
N GLY C 102 -15.57 11.34 4.72
CA GLY C 102 -16.03 12.64 5.05
C GLY C 102 -16.94 13.27 4.02
N THR C 103 -16.56 13.13 2.76
CA THR C 103 -17.40 13.62 1.66
C THR C 103 -18.65 12.73 1.58
N GLU C 104 -18.45 11.41 1.66
CA GLU C 104 -19.57 10.49 1.60
C GLU C 104 -20.63 10.93 2.62
N LEU C 105 -20.16 11.27 3.82
CA LEU C 105 -20.98 11.63 4.93
C LEU C 105 -21.45 13.05 5.02
N GLY C 106 -21.29 13.85 3.98
CA GLY C 106 -21.81 15.19 3.96
C GLY C 106 -20.92 16.35 4.29
N ALA C 107 -19.67 16.17 4.62
CA ALA C 107 -18.79 17.31 4.93
C ALA C 107 -18.93 18.41 3.90
N HIS C 108 -18.95 19.66 4.36
CA HIS C 108 -19.05 20.78 3.44
C HIS C 108 -17.62 21.18 3.01
N ALA C 109 -16.66 21.04 3.93
CA ALA C 109 -15.30 21.42 3.70
C ALA C 109 -14.38 20.92 4.81
N PHE C 110 -13.11 20.75 4.46
CA PHE C 110 -12.07 20.26 5.32
C PHE C 110 -10.94 21.31 5.45
N ILE C 111 -10.49 21.48 6.66
CA ILE C 111 -9.48 22.39 7.09
C ILE C 111 -8.40 21.62 7.89
N PRO C 112 -7.40 21.12 7.19
CA PRO C 112 -6.30 20.44 7.86
C PRO C 112 -5.41 21.46 8.56
N PHE C 113 -4.92 21.09 9.76
CA PHE C 113 -4.06 22.07 10.45
C PHE C 113 -2.94 21.42 11.21
N GLN C 114 -1.87 22.18 11.44
CA GLN C 114 -0.73 21.70 12.21
C GLN C 114 -1.13 21.64 13.68
N ALA C 115 -0.95 20.51 14.34
CA ALA C 115 -1.36 20.45 15.75
C ALA C 115 -0.09 20.14 16.55
N ALA C 116 -0.14 20.36 17.84
CA ALA C 116 1.03 20.19 18.70
C ALA C 116 1.63 18.79 18.65
N ARG C 117 0.77 17.79 18.56
CA ARG C 117 1.16 16.41 18.53
C ARG C 117 1.20 15.85 17.13
N SER C 118 1.07 16.71 16.11
CA SER C 118 1.17 16.18 14.74
C SER C 118 2.64 15.79 14.55
N VAL C 119 2.87 14.51 14.31
CA VAL C 119 4.24 14.01 14.16
C VAL C 119 4.84 14.33 12.81
N VAL C 120 4.16 15.09 11.96
CA VAL C 120 4.73 15.41 10.66
C VAL C 120 4.88 16.91 10.46
N LYS C 121 5.84 17.25 9.60
CA LYS C 121 6.08 18.65 9.28
C LYS C 121 6.10 18.82 7.76
N LEU C 122 5.68 20.02 7.34
CA LEU C 122 5.66 20.25 5.90
C LEU C 122 5.79 21.73 5.57
N ASP C 123 6.64 22.00 4.59
CA ASP C 123 6.87 23.36 4.12
C ASP C 123 5.84 23.73 3.06
N ASP C 124 5.97 24.87 2.41
CA ASP C 124 5.07 25.34 1.40
C ASP C 124 4.82 24.30 0.28
N LYS C 125 5.93 23.91 -0.33
CA LYS C 125 5.95 22.99 -1.45
C LYS C 125 5.20 21.70 -1.12
N LYS C 126 5.56 21.09 0.02
CA LYS C 126 4.86 19.87 0.37
C LYS C 126 3.39 20.09 0.63
N ALA C 127 3.01 21.08 1.43
CA ALA C 127 1.61 21.35 1.72
C ALA C 127 0.79 21.54 0.45
N LYS C 128 1.33 22.26 -0.54
CA LYS C 128 0.66 22.48 -1.78
C LYS C 128 0.41 21.22 -2.59
N LYS C 129 1.40 20.37 -2.77
CA LYS C 129 1.23 19.18 -3.62
C LYS C 129 0.27 18.20 -2.98
N LYS C 130 0.32 18.10 -1.66
CA LYS C 130 -0.55 17.30 -0.84
C LYS C 130 -2.00 17.76 -0.92
N ARG C 131 -2.24 19.05 -0.90
CA ARG C 131 -3.60 19.55 -1.03
C ARG C 131 -4.16 19.37 -2.43
N GLU C 132 -3.36 19.22 -3.47
CA GLU C 132 -3.89 19.04 -4.82
C GLU C 132 -4.43 17.62 -4.97
N ARG C 133 -3.81 16.71 -4.22
CA ARG C 133 -4.28 15.33 -4.22
C ARG C 133 -5.53 15.18 -3.35
N TRP C 134 -5.56 15.94 -2.25
CA TRP C 134 -6.69 15.86 -1.32
C TRP C 134 -7.98 16.31 -2.01
N THR C 135 -7.83 17.43 -2.71
CA THR C 135 -8.92 17.98 -3.51
C THR C 135 -9.46 16.90 -4.45
N LYS C 136 -8.61 16.18 -5.12
CA LYS C 136 -8.95 15.13 -6.07
C LYS C 136 -9.62 13.95 -5.41
N ILE C 137 -9.22 13.57 -4.19
CA ILE C 137 -9.94 12.52 -3.47
C ILE C 137 -11.34 13.02 -3.06
N ALA C 138 -11.50 14.30 -2.71
CA ALA C 138 -12.81 14.85 -2.38
C ALA C 138 -13.71 14.80 -3.62
N LYS C 139 -13.16 15.27 -4.73
CA LYS C 139 -13.89 15.24 -5.99
C LYS C 139 -14.40 13.85 -6.38
N GLU C 140 -13.59 12.83 -6.35
CA GLU C 140 -13.95 11.46 -6.72
C GLU C 140 -14.99 10.90 -5.77
N ALA C 141 -14.87 11.20 -4.48
CA ALA C 141 -15.82 10.77 -3.48
C ALA C 141 -17.14 11.49 -3.61
N ALA C 142 -17.16 12.74 -4.08
CA ALA C 142 -18.40 13.46 -4.30
C ALA C 142 -19.15 12.86 -5.48
N GLU C 143 -18.43 12.44 -6.50
CA GLU C 143 -18.97 11.79 -7.67
C GLU C 143 -19.67 10.48 -7.35
N GLN C 144 -19.00 9.59 -6.60
CA GLN C 144 -19.59 8.32 -6.24
C GLN C 144 -20.68 8.45 -5.19
N SER C 145 -20.65 9.43 -4.28
CA SER C 145 -21.70 9.47 -3.28
C SER C 145 -22.89 10.32 -3.73
N TYR C 146 -22.77 10.92 -4.90
CA TYR C 146 -23.82 11.74 -5.46
C TYR C 146 -24.05 13.05 -4.71
N ARG C 147 -22.99 13.69 -4.24
CA ARG C 147 -23.15 14.99 -3.59
C ARG C 147 -23.63 16.03 -4.57
N ASN C 148 -24.23 17.13 -4.10
CA ASN C 148 -24.68 18.18 -5.01
C ASN C 148 -23.57 19.21 -5.21
N GLU C 149 -22.50 19.02 -4.48
CA GLU C 149 -21.36 19.91 -4.40
C GLU C 149 -20.10 19.16 -3.99
N VAL C 150 -18.96 19.66 -4.47
CA VAL C 150 -17.67 19.06 -4.11
C VAL C 150 -17.13 19.86 -2.93
N PRO C 151 -16.79 19.18 -1.86
CA PRO C 151 -16.23 19.87 -0.71
C PRO C 151 -14.85 20.45 -1.04
N ARG C 152 -14.59 21.58 -0.42
CA ARG C 152 -13.35 22.31 -0.46
C ARG C 152 -12.40 21.79 0.65
N VAL C 153 -11.21 21.44 0.24
CA VAL C 153 -10.13 21.08 1.16
C VAL C 153 -9.22 22.33 1.19
N MSE C 154 -9.17 23.00 2.31
CA MSE C 154 -8.37 24.23 2.41
C MSE C 154 -6.90 23.96 2.53
O MSE C 154 -6.44 22.84 2.78
CB MSE C 154 -8.89 25.05 3.62
CG MSE C 154 -10.39 25.33 3.44
SE MSE C 154 -11.06 26.65 4.66
CE MSE C 154 -10.25 28.21 3.92
N ASP C 155 -6.10 25.00 2.33
CA ASP C 155 -4.65 24.90 2.55
C ASP C 155 -4.41 24.54 4.03
N VAL C 156 -3.40 23.75 4.32
CA VAL C 156 -3.02 23.37 5.68
C VAL C 156 -2.80 24.63 6.54
N HIS C 157 -3.57 24.76 7.61
CA HIS C 157 -3.52 25.90 8.47
C HIS C 157 -2.56 25.69 9.65
N SER C 158 -2.02 26.80 10.13
CA SER C 158 -1.24 26.74 11.39
C SER C 158 -2.32 26.73 12.48
N PHE C 159 -1.99 26.45 13.72
CA PHE C 159 -3.07 26.46 14.75
C PHE C 159 -3.60 27.87 14.93
N GLN C 160 -2.70 28.83 15.01
CA GLN C 160 -3.04 30.24 15.10
C GLN C 160 -4.15 30.59 14.11
N GLN C 161 -3.90 30.34 12.83
CA GLN C 161 -4.84 30.53 11.74
C GLN C 161 -6.19 29.85 11.95
N LEU C 162 -6.16 28.67 12.55
CA LEU C 162 -7.37 27.92 12.86
C LEU C 162 -8.21 28.74 13.83
N LEU C 163 -7.57 29.23 14.88
CA LEU C 163 -8.18 30.12 15.87
C LEU C 163 -8.77 31.37 15.19
N GLN C 164 -8.02 31.98 14.30
CA GLN C 164 -8.46 33.12 13.52
C GLN C 164 -9.72 32.87 12.72
N ARG C 165 -9.96 31.66 12.21
CA ARG C 165 -11.18 31.47 11.44
C ARG C 165 -12.39 31.16 12.30
N MSE C 166 -12.27 30.61 13.49
CA MSE C 166 -13.42 30.32 14.34
C MSE C 166 -14.50 31.39 14.29
O MSE C 166 -15.69 31.07 14.16
CB MSE C 166 -13.00 30.00 15.78
CG MSE C 166 -11.74 29.18 15.87
SE MSE C 166 -11.79 27.78 17.14
CE MSE C 166 -13.27 28.27 18.21
N GLN C 167 -14.14 32.65 14.27
CA GLN C 167 -15.04 33.78 14.10
C GLN C 167 -16.11 33.54 13.04
N ASP C 168 -15.75 32.95 11.91
CA ASP C 168 -16.64 32.70 10.81
C ASP C 168 -17.71 31.66 10.97
N PHE C 169 -17.80 30.93 12.05
CA PHE C 169 -18.81 29.90 12.19
C PHE C 169 -19.85 30.22 13.26
N ASP C 170 -21.09 29.78 13.02
CA ASP C 170 -22.13 29.97 14.01
C ASP C 170 -21.78 29.23 15.28
N LYS C 171 -21.25 28.02 15.13
CA LYS C 171 -20.87 27.24 16.30
C LYS C 171 -19.66 26.38 15.95
N CYS C 172 -18.93 26.03 16.99
CA CYS C 172 -17.71 25.29 16.95
C CYS C 172 -17.62 24.33 18.13
N VAL C 173 -17.58 23.05 17.81
CA VAL C 173 -17.47 21.98 18.78
C VAL C 173 -16.04 21.43 18.74
N VAL C 174 -15.50 21.18 19.93
CA VAL C 174 -14.18 20.61 20.05
C VAL C 174 -14.24 19.16 20.50
N ALA C 175 -13.97 18.19 19.63
CA ALA C 175 -14.03 16.79 20.08
C ALA C 175 -12.81 16.47 20.95
N TYR C 176 -13.08 16.42 22.25
CA TYR C 176 -12.14 16.19 23.33
C TYR C 176 -12.90 15.72 24.57
N GLU C 177 -12.16 15.33 25.61
CA GLU C 177 -12.78 15.04 26.91
C GLU C 177 -11.90 15.45 28.09
N SER C 186 -22.89 16.72 27.82
CA SER C 186 -23.14 16.18 26.47
C SER C 186 -23.77 17.25 25.59
N ALA C 187 -22.92 18.23 25.27
CA ALA C 187 -23.22 19.38 24.48
C ALA C 187 -23.46 19.10 23.01
N PHE C 188 -22.92 18.01 22.47
CA PHE C 188 -23.06 17.69 21.07
C PHE C 188 -24.50 17.73 20.58
N SER C 189 -25.37 16.89 21.12
CA SER C 189 -26.78 16.86 20.77
C SER C 189 -27.40 18.24 20.94
N ALA C 190 -27.11 18.83 22.12
CA ALA C 190 -27.60 20.15 22.41
C ALA C 190 -27.17 21.15 21.36
N ILE C 191 -25.90 21.14 20.94
CA ILE C 191 -25.50 22.12 19.93
C ILE C 191 -26.00 21.73 18.53
N VAL C 192 -26.02 20.45 18.19
CA VAL C 192 -26.44 20.07 16.85
C VAL C 192 -27.92 20.27 16.60
N SER C 193 -28.75 19.95 17.58
CA SER C 193 -30.20 20.05 17.47
C SER C 193 -30.70 21.48 17.43
N SER C 194 -29.89 22.41 17.89
CA SER C 194 -30.22 23.81 17.92
C SER C 194 -29.89 24.55 16.64
N LEU C 195 -29.06 24.02 15.76
CA LEU C 195 -28.68 24.77 14.58
C LEU C 195 -29.76 24.89 13.51
N PRO C 196 -29.96 26.13 13.07
CA PRO C 196 -30.88 26.46 12.00
C PRO C 196 -30.35 26.05 10.62
N LYS C 197 -31.26 25.73 9.72
CA LYS C 197 -30.87 25.35 8.36
C LYS C 197 -30.03 26.45 7.73
N GLY C 198 -28.93 26.06 7.08
CA GLY C 198 -28.03 26.99 6.46
C GLY C 198 -26.95 27.47 7.40
N SER C 199 -26.95 27.02 8.66
CA SER C 199 -25.91 27.48 9.59
C SER C 199 -24.65 26.65 9.47
N SER C 200 -23.52 27.24 9.88
CA SER C 200 -22.21 26.63 9.74
C SER C 200 -21.58 26.18 11.05
N LEU C 201 -21.20 24.91 11.11
CA LEU C 201 -20.60 24.29 12.27
C LEU C 201 -19.15 23.88 12.04
N LEU C 202 -18.26 24.20 12.98
CA LEU C 202 -16.89 23.78 12.95
C LEU C 202 -16.69 22.66 13.99
N ILE C 203 -15.99 21.60 13.62
CA ILE C 203 -15.74 20.49 14.54
C ILE C 203 -14.23 20.18 14.47
N VAL C 204 -13.53 20.31 15.62
CA VAL C 204 -12.07 20.18 15.51
C VAL C 204 -11.59 18.96 16.25
N PHE C 205 -10.70 18.22 15.59
CA PHE C 205 -10.16 16.97 16.08
C PHE C 205 -8.65 17.04 16.18
N GLY C 206 -8.05 16.47 17.19
CA GLY C 206 -6.57 16.47 17.28
C GLY C 206 -6.04 15.25 16.49
N PRO C 207 -4.73 15.11 16.40
CA PRO C 207 -4.09 13.99 15.72
C PRO C 207 -4.11 12.75 16.58
N GLU C 208 -3.37 11.69 16.20
CA GLU C 208 -3.38 10.46 16.99
C GLU C 208 -3.15 10.74 18.47
N GLY C 209 -2.19 11.58 18.78
CA GLY C 209 -1.82 11.90 20.13
C GLY C 209 -2.68 12.92 20.83
N GLY C 210 -3.85 13.24 20.31
CA GLY C 210 -4.81 14.15 20.85
C GLY C 210 -4.42 15.61 20.82
N LEU C 211 -5.36 16.46 21.18
CA LEU C 211 -5.13 17.90 21.31
C LEU C 211 -4.58 18.11 22.74
N THR C 212 -3.83 19.16 22.96
CA THR C 212 -3.27 19.44 24.27
C THR C 212 -4.17 20.32 25.14
N GLU C 213 -3.85 20.32 26.43
CA GLU C 213 -4.61 21.13 27.39
C GLU C 213 -4.62 22.58 26.93
N ALA C 214 -3.42 23.08 26.60
CA ALA C 214 -3.30 24.43 26.07
C ALA C 214 -4.07 24.57 24.76
N GLU C 215 -4.01 23.63 23.83
CA GLU C 215 -4.78 23.81 22.58
C GLU C 215 -6.27 23.92 22.90
N VAL C 216 -6.77 23.09 23.81
CA VAL C 216 -8.17 23.15 24.20
C VAL C 216 -8.51 24.49 24.85
N GLU C 217 -7.65 25.00 25.74
CA GLU C 217 -7.90 26.28 26.38
C GLU C 217 -8.09 27.37 25.34
N ARG C 218 -7.20 27.46 24.37
CA ARG C 218 -7.31 28.45 23.32
C ARG C 218 -8.58 28.29 22.48
N LEU C 219 -9.07 27.07 22.28
CA LEU C 219 -10.27 26.86 21.48
C LEU C 219 -11.54 27.25 22.22
N THR C 220 -11.62 26.85 23.49
CA THR C 220 -12.78 27.18 24.32
C THR C 220 -12.87 28.70 24.50
N GLU C 221 -11.75 29.40 24.48
CA GLU C 221 -11.75 30.85 24.65
C GLU C 221 -12.05 31.59 23.38
N GLN C 222 -12.44 30.85 22.36
CA GLN C 222 -12.88 31.33 21.07
C GLN C 222 -14.30 30.74 20.85
N ASP C 223 -14.87 30.20 21.91
CA ASP C 223 -16.21 29.67 21.95
C ASP C 223 -16.36 28.23 21.51
N GLY C 224 -15.23 27.57 21.28
CA GLY C 224 -15.34 26.13 20.97
C GLY C 224 -15.85 25.48 22.28
N VAL C 225 -16.86 24.64 22.13
CA VAL C 225 -17.40 23.91 23.24
C VAL C 225 -16.91 22.46 23.16
N THR C 226 -16.12 22.03 24.13
CA THR C 226 -15.67 20.65 24.16
C THR C 226 -16.90 19.75 24.26
N CYS C 227 -16.91 18.66 23.49
CA CYS C 227 -18.01 17.70 23.60
C CYS C 227 -17.39 16.30 23.54
N GLY C 228 -17.98 15.37 24.25
CA GLY C 228 -17.49 13.97 24.19
C GLY C 228 -18.27 13.33 23.01
N LEU C 229 -17.66 12.39 22.32
CA LEU C 229 -18.32 11.76 21.17
C LEU C 229 -18.84 10.37 21.47
N GLY C 230 -19.13 10.10 22.74
CA GLY C 230 -19.63 8.77 23.13
C GLY C 230 -18.63 8.19 24.13
N PRO C 231 -18.98 7.05 24.69
CA PRO C 231 -18.17 6.43 25.72
C PRO C 231 -17.03 5.60 25.21
N ARG C 232 -17.03 5.17 23.95
CA ARG C 232 -15.87 4.37 23.50
C ARG C 232 -14.78 5.26 22.92
N ILE C 233 -13.52 4.80 23.02
CA ILE C 233 -12.40 5.58 22.50
C ILE C 233 -12.28 5.44 21.01
N LEU C 234 -12.34 6.53 20.29
CA LEU C 234 -12.32 6.59 18.83
C LEU C 234 -10.97 7.07 18.30
N ARG C 235 -10.45 6.42 17.27
CA ARG C 235 -9.23 6.79 16.58
C ARG C 235 -9.39 8.09 15.81
N THR C 236 -8.32 8.75 15.33
CA THR C 236 -8.50 9.95 14.58
C THR C 236 -9.35 9.79 13.33
N GLU C 237 -9.20 8.68 12.62
CA GLU C 237 -9.95 8.54 11.37
C GLU C 237 -11.40 8.17 11.56
N THR C 238 -11.84 7.73 12.69
CA THR C 238 -13.21 7.38 12.98
C THR C 238 -14.07 8.50 13.54
N ALA C 239 -13.52 9.33 14.42
CA ALA C 239 -14.31 10.36 15.10
C ALA C 239 -15.09 11.28 14.20
N PRO C 240 -14.47 11.87 13.19
CA PRO C 240 -15.13 12.74 12.22
C PRO C 240 -16.26 12.04 11.47
N LEU C 241 -16.11 10.73 11.30
CA LEU C 241 -17.14 9.91 10.70
C LEU C 241 -18.29 9.68 11.68
N TYR C 242 -17.97 9.47 12.95
CA TYR C 242 -19.07 9.36 13.93
C TYR C 242 -19.88 10.66 13.92
N ALA C 243 -19.20 11.79 14.02
CA ALA C 243 -19.82 13.11 14.07
C ALA C 243 -20.74 13.38 12.89
N LEU C 244 -20.23 13.39 11.68
CA LEU C 244 -20.99 13.60 10.47
C LEU C 244 -22.22 12.68 10.42
N SER C 245 -22.04 11.40 10.74
CA SER C 245 -23.10 10.41 10.75
C SER C 245 -24.21 10.83 11.72
N ALA C 246 -23.81 11.13 12.96
CA ALA C 246 -24.80 11.61 13.94
C ALA C 246 -25.44 12.88 13.43
N ILE C 247 -24.71 13.86 12.92
CA ILE C 247 -25.38 15.05 12.38
C ILE C 247 -26.42 14.71 11.33
N SER C 248 -26.16 13.77 10.43
CA SER C 248 -27.13 13.36 9.41
C SER C 248 -28.39 12.78 10.07
N TYR C 249 -28.16 11.92 11.05
CA TYR C 249 -29.24 11.28 11.79
C TYR C 249 -30.19 12.30 12.43
N GLN C 250 -29.64 13.21 13.21
CA GLN C 250 -30.38 14.22 13.93
C GLN C 250 -31.07 15.22 13.02
N THR C 251 -30.47 15.49 11.88
CA THR C 251 -30.88 16.50 10.93
C THR C 251 -31.59 15.99 9.71
N GLU C 252 -31.50 14.73 9.36
CA GLU C 252 -32.14 14.20 8.16
C GLU C 252 -33.04 13.00 8.46
N LEU C 253 -32.84 12.34 9.59
CA LEU C 253 -33.56 11.15 9.97
C LEU C 253 -34.58 11.38 11.07
N LEU C 254 -34.27 12.23 12.05
CA LEU C 254 -35.27 12.54 13.09
C LEU C 254 -36.15 13.65 12.46
N ARG C 255 -35.43 14.58 11.84
CA ARG C 255 -36.03 15.76 11.23
C ARG C 255 -36.04 15.67 9.72
N GLN D 4 -2.60 -0.08 30.25
CA GLN D 4 -2.83 -1.20 29.34
C GLN D 4 -4.14 -1.92 29.65
N ARG D 5 -4.70 -2.54 28.62
CA ARG D 5 -5.98 -3.23 28.73
C ARG D 5 -5.94 -4.59 28.05
N TYR D 6 -6.33 -5.63 28.78
CA TYR D 6 -6.34 -6.99 28.31
C TYR D 6 -7.64 -7.72 28.70
N PHE D 7 -8.10 -8.63 27.83
CA PHE D 7 -9.28 -9.44 28.13
C PHE D 7 -8.85 -10.79 28.69
N ILE D 8 -9.37 -11.13 29.86
CA ILE D 8 -8.99 -12.37 30.51
C ILE D 8 -10.13 -13.38 30.53
N CYS D 45 -7.73 -5.08 33.44
CA CYS D 45 -8.27 -6.40 33.22
C CYS D 45 -9.78 -6.40 33.04
N CYS D 46 -10.22 -7.12 31.99
CA CYS D 46 -11.65 -7.24 31.72
C CYS D 46 -12.05 -8.71 31.76
N SER D 47 -12.88 -9.03 32.74
CA SER D 47 -13.38 -10.39 32.93
C SER D 47 -14.13 -10.91 31.71
N GLN D 48 -14.16 -12.24 31.54
CA GLN D 48 -14.84 -12.89 30.46
C GLN D 48 -16.31 -12.51 30.35
N ASP D 49 -16.93 -12.09 31.44
CA ASP D 49 -18.31 -11.69 31.49
C ASP D 49 -18.50 -10.18 31.42
N GLY D 50 -17.43 -9.46 31.11
CA GLY D 50 -17.47 -8.04 30.93
C GLY D 50 -17.46 -7.18 32.17
N PHE D 51 -16.59 -7.50 33.12
CA PHE D 51 -16.49 -6.67 34.33
C PHE D 51 -15.07 -6.08 34.37
N GLU D 52 -14.97 -4.78 34.55
CA GLU D 52 -13.69 -4.11 34.54
C GLU D 52 -13.08 -3.98 35.93
N ALA D 53 -11.81 -4.39 36.05
CA ALA D 53 -11.09 -4.29 37.32
C ALA D 53 -9.67 -3.77 37.11
N GLU D 75 -17.82 0.61 35.56
CA GLU D 75 -17.63 1.22 34.25
C GLU D 75 -17.92 0.32 33.07
N ASN D 76 -19.09 0.59 32.44
CA ASN D 76 -19.52 -0.16 31.25
C ASN D 76 -19.62 0.79 30.04
N ARG D 77 -18.86 0.48 29.00
CA ARG D 77 -18.80 1.33 27.82
C ARG D 77 -19.54 0.79 26.62
N GLU D 78 -20.24 -0.32 26.77
CA GLU D 78 -21.00 -0.95 25.71
C GLU D 78 -22.25 -0.19 25.31
N LEU D 79 -22.70 -0.45 24.09
CA LEU D 79 -23.94 0.17 23.60
C LEU D 79 -25.15 -0.47 24.31
N PRO D 80 -26.19 0.31 24.54
CA PRO D 80 -27.39 -0.19 25.16
C PRO D 80 -27.98 -1.38 24.41
N ILE D 81 -28.16 -1.27 23.09
CA ILE D 81 -28.77 -2.42 22.40
C ILE D 81 -27.74 -3.27 21.70
N LYS D 82 -27.92 -4.59 21.74
CA LYS D 82 -26.97 -5.47 21.04
C LYS D 82 -27.25 -5.32 19.54
N VAL D 83 -26.22 -4.94 18.82
CA VAL D 83 -26.32 -4.67 17.39
C VAL D 83 -25.48 -5.65 16.59
N TYR D 84 -26.12 -6.52 15.82
CA TYR D 84 -25.38 -7.50 15.02
C TYR D 84 -25.11 -7.01 13.61
N ILE D 85 -23.85 -7.01 13.18
CA ILE D 85 -23.58 -6.52 11.83
C ILE D 85 -23.39 -7.63 10.83
N ALA D 86 -24.39 -7.77 9.93
CA ALA D 86 -24.26 -8.74 8.85
C ALA D 86 -23.76 -8.07 7.58
N SER D 87 -22.63 -8.51 7.05
CA SER D 87 -22.07 -7.86 5.87
C SER D 87 -21.89 -8.75 4.68
N GLY D 88 -22.39 -8.33 3.52
CA GLY D 88 -22.13 -9.15 2.28
C GLY D 88 -20.61 -9.08 2.09
N LEU D 89 -19.98 -10.21 1.83
CA LEU D 89 -18.51 -10.21 1.68
C LEU D 89 -18.03 -9.19 0.67
N PRO D 90 -17.33 -8.17 1.13
CA PRO D 90 -16.78 -7.14 0.25
C PRO D 90 -15.47 -7.59 -0.35
N LYS D 91 -14.89 -6.74 -1.21
CA LYS D 91 -13.62 -7.09 -1.83
C LYS D 91 -12.42 -6.68 -0.97
N GLY D 92 -11.28 -7.19 -1.38
CA GLY D 92 -10.01 -6.97 -0.73
C GLY D 92 -10.08 -7.21 0.77
N ASP D 93 -9.60 -6.23 1.53
CA ASP D 93 -9.61 -6.34 2.99
C ASP D 93 -10.60 -5.40 3.62
N LYS D 94 -11.58 -4.96 2.83
CA LYS D 94 -12.59 -4.03 3.32
C LYS D 94 -13.28 -4.52 4.58
N LEU D 95 -13.60 -5.81 4.68
CA LEU D 95 -14.20 -6.41 5.83
C LEU D 95 -13.36 -6.17 7.10
N GLU D 96 -12.03 -6.13 6.94
CA GLU D 96 -11.11 -5.88 8.04
C GLU D 96 -11.39 -4.48 8.63
N TRP D 97 -11.57 -3.50 7.75
CA TRP D 97 -11.90 -2.15 8.14
C TRP D 97 -13.26 -2.15 8.85
N ILE D 98 -14.23 -2.89 8.33
CA ILE D 98 -15.54 -3.01 8.94
C ILE D 98 -15.48 -3.54 10.38
N ILE D 99 -14.79 -4.66 10.60
CA ILE D 99 -14.66 -5.23 11.93
C ILE D 99 -14.02 -4.21 12.88
N GLN D 100 -12.89 -3.65 12.45
CA GLN D 100 -12.17 -2.69 13.25
C GLN D 100 -13.02 -1.51 13.68
N LYS D 101 -13.55 -0.75 12.71
CA LYS D 101 -14.33 0.43 13.03
C LYS D 101 -15.68 0.11 13.62
N GLY D 102 -16.23 -1.06 13.35
CA GLY D 102 -17.49 -1.46 13.99
C GLY D 102 -17.25 -1.86 15.44
N THR D 103 -16.12 -2.53 15.73
CA THR D 103 -15.78 -2.85 17.11
C THR D 103 -15.61 -1.55 17.91
N GLU D 104 -14.82 -0.63 17.35
CA GLU D 104 -14.62 0.62 18.11
C GLU D 104 -15.93 1.35 18.33
N LEU D 105 -16.89 1.25 17.41
CA LEU D 105 -18.14 1.95 17.52
C LEU D 105 -19.30 1.22 18.16
N GLY D 106 -19.11 0.02 18.69
CA GLY D 106 -20.12 -0.71 19.38
C GLY D 106 -20.63 -2.00 18.86
N ALA D 107 -20.37 -2.45 17.64
CA ALA D 107 -20.90 -3.73 17.17
C ALA D 107 -20.84 -4.77 18.29
N HIS D 108 -21.92 -5.56 18.45
CA HIS D 108 -21.89 -6.64 19.44
C HIS D 108 -21.30 -7.88 18.78
N ALA D 109 -21.61 -8.04 17.49
CA ALA D 109 -21.09 -9.18 16.74
C ALA D 109 -21.11 -8.94 15.24
N PHE D 110 -20.30 -9.66 14.51
CA PHE D 110 -20.22 -9.62 13.06
C PHE D 110 -20.62 -10.92 12.37
N ILE D 111 -21.48 -10.86 11.36
CA ILE D 111 -21.88 -12.05 10.62
C ILE D 111 -21.68 -11.85 9.11
N PRO D 112 -20.58 -12.33 8.57
CA PRO D 112 -20.31 -12.16 7.14
C PRO D 112 -21.09 -13.17 6.33
N PHE D 113 -21.60 -12.78 5.15
CA PHE D 113 -22.36 -13.71 4.34
C PHE D 113 -22.10 -13.56 2.84
N GLN D 114 -22.40 -14.61 2.09
CA GLN D 114 -22.21 -14.58 0.63
C GLN D 114 -23.40 -13.85 0.00
N ALA D 115 -23.23 -12.63 -0.45
CA ALA D 115 -24.41 -12.01 -1.13
C ALA D 115 -24.27 -12.31 -2.62
N ALA D 116 -25.26 -11.99 -3.42
CA ALA D 116 -25.16 -12.30 -4.86
C ALA D 116 -23.97 -11.62 -5.50
N ARG D 117 -23.76 -10.33 -5.23
CA ARG D 117 -22.66 -9.61 -5.83
C ARG D 117 -21.35 -9.80 -5.09
N SER D 118 -21.32 -10.67 -4.05
CA SER D 118 -19.98 -10.94 -3.45
C SER D 118 -19.17 -11.58 -4.58
N VAL D 119 -17.88 -11.40 -4.56
CA VAL D 119 -17.01 -11.80 -5.66
C VAL D 119 -15.96 -12.78 -5.25
N LYS D 130 -8.83 -16.44 7.32
CA LYS D 130 -9.28 -15.06 7.49
C LYS D 130 -9.98 -14.89 8.83
N ARG D 131 -10.72 -15.93 9.21
CA ARG D 131 -11.47 -15.95 10.45
C ARG D 131 -10.62 -15.58 11.65
N GLU D 132 -9.46 -16.22 11.77
CA GLU D 132 -8.56 -15.94 12.90
C GLU D 132 -8.19 -14.47 12.85
N ARG D 133 -7.80 -14.02 11.67
CA ARG D 133 -7.45 -12.63 11.44
C ARG D 133 -8.58 -11.69 11.82
N TRP D 134 -9.83 -12.00 11.45
CA TRP D 134 -10.93 -11.11 11.80
C TRP D 134 -11.14 -11.09 13.31
N THR D 135 -10.85 -12.23 13.95
CA THR D 135 -10.96 -12.33 15.39
C THR D 135 -9.86 -11.49 16.05
N LYS D 136 -8.70 -11.49 15.39
CA LYS D 136 -7.55 -10.74 15.87
C LYS D 136 -7.70 -9.23 15.72
N ILE D 137 -8.49 -8.76 14.75
CA ILE D 137 -8.69 -7.33 14.57
C ILE D 137 -9.71 -6.82 15.57
N ALA D 138 -10.71 -7.68 15.84
CA ALA D 138 -11.75 -7.30 16.80
C ALA D 138 -11.17 -7.15 18.20
N LYS D 139 -10.39 -8.16 18.63
CA LYS D 139 -9.77 -8.09 19.96
C LYS D 139 -8.89 -6.84 20.08
N GLU D 140 -8.00 -6.63 19.11
CA GLU D 140 -7.14 -5.44 19.14
C GLU D 140 -8.00 -4.21 19.18
N ALA D 141 -9.13 -4.20 18.45
CA ALA D 141 -9.95 -2.98 18.40
C ALA D 141 -10.72 -2.79 19.70
N ALA D 142 -11.10 -3.89 20.33
CA ALA D 142 -11.80 -3.89 21.59
C ALA D 142 -10.91 -3.33 22.70
N GLU D 143 -9.65 -3.74 22.75
CA GLU D 143 -8.76 -3.22 23.78
C GLU D 143 -8.47 -1.73 23.63
N GLN D 144 -8.09 -1.28 22.43
CA GLN D 144 -7.80 0.12 22.22
C GLN D 144 -9.00 1.02 22.35
N SER D 145 -10.23 0.52 22.21
CA SER D 145 -11.39 1.41 22.34
C SER D 145 -12.05 1.34 23.70
N TYR D 146 -11.52 0.54 24.62
CA TYR D 146 -12.00 0.39 25.95
C TYR D 146 -13.35 -0.33 26.06
N ARG D 147 -13.53 -1.39 25.30
CA ARG D 147 -14.76 -2.15 25.33
C ARG D 147 -14.73 -3.11 26.53
N ASN D 148 -15.93 -3.39 26.99
CA ASN D 148 -16.15 -4.37 28.05
C ASN D 148 -16.24 -5.75 27.41
N GLU D 149 -16.77 -5.81 26.19
CA GLU D 149 -16.88 -7.07 25.46
C GLU D 149 -16.07 -7.05 24.17
N VAL D 150 -15.71 -8.21 23.68
CA VAL D 150 -14.98 -8.38 22.43
C VAL D 150 -15.90 -8.99 21.38
N PRO D 151 -16.29 -8.23 20.37
CA PRO D 151 -17.19 -8.71 19.34
C PRO D 151 -16.79 -10.05 18.75
N ARG D 152 -17.70 -11.00 18.71
CA ARG D 152 -17.38 -12.29 18.07
C ARG D 152 -17.57 -12.17 16.56
N VAL D 153 -16.70 -12.82 15.78
CA VAL D 153 -16.88 -12.81 14.34
C VAL D 153 -17.33 -14.21 13.91
N MSE D 154 -18.56 -14.38 13.48
CA MSE D 154 -19.07 -15.68 13.11
C MSE D 154 -18.53 -16.22 11.79
O MSE D 154 -17.91 -15.53 11.01
CB MSE D 154 -20.59 -15.70 13.03
CG MSE D 154 -21.31 -14.87 14.06
SE MSE D 154 -23.15 -15.39 14.19
CE MSE D 154 -23.80 -14.09 15.43
N ASP D 155 -18.86 -17.50 11.58
CA ASP D 155 -18.48 -18.15 10.32
C ASP D 155 -19.26 -17.50 9.18
N VAL D 156 -18.66 -17.48 7.99
CA VAL D 156 -19.40 -16.83 6.89
C VAL D 156 -20.63 -17.66 6.53
N HIS D 157 -21.79 -17.02 6.63
CA HIS D 157 -23.07 -17.60 6.36
C HIS D 157 -23.44 -17.54 4.87
N SER D 158 -24.19 -18.53 4.42
CA SER D 158 -24.68 -18.48 3.03
C SER D 158 -25.95 -17.63 3.13
N PHE D 159 -26.47 -17.13 2.05
CA PHE D 159 -27.69 -16.31 2.14
C PHE D 159 -28.78 -17.06 2.90
N GLN D 160 -28.97 -18.35 2.60
CA GLN D 160 -29.96 -19.16 3.27
C GLN D 160 -29.74 -19.22 4.78
N GLN D 161 -28.51 -19.46 5.22
CA GLN D 161 -28.29 -19.50 6.69
C GLN D 161 -28.61 -18.17 7.32
N LEU D 162 -28.25 -17.07 6.64
CA LEU D 162 -28.54 -15.77 7.19
C LEU D 162 -30.04 -15.56 7.34
N LEU D 163 -30.84 -16.00 6.37
CA LEU D 163 -32.29 -15.85 6.42
C LEU D 163 -32.87 -16.67 7.58
N GLN D 164 -32.26 -17.81 7.81
CA GLN D 164 -32.54 -18.79 8.80
C GLN D 164 -32.05 -18.44 10.21
N ARG D 165 -31.69 -17.20 10.47
CA ARG D 165 -31.19 -16.76 11.76
C ARG D 165 -31.80 -15.42 12.15
N MSE D 166 -32.56 -14.86 11.21
CA MSE D 166 -33.26 -13.61 11.43
C MSE D 166 -34.34 -13.74 12.48
O MSE D 166 -34.57 -12.83 13.29
CB MSE D 166 -33.80 -13.05 10.11
CG MSE D 166 -32.76 -12.24 9.36
SE MSE D 166 -33.20 -11.78 7.58
CE MSE D 166 -34.64 -10.57 7.82
N GLN D 167 -34.97 -14.89 12.57
CA GLN D 167 -35.99 -15.23 13.53
C GLN D 167 -35.52 -15.04 14.97
N ASP D 168 -34.22 -15.16 15.20
CA ASP D 168 -33.63 -15.00 16.51
C ASP D 168 -33.39 -13.54 16.87
N PHE D 169 -33.86 -12.57 16.10
CA PHE D 169 -33.63 -11.18 16.45
C PHE D 169 -34.95 -10.45 16.70
N ASP D 170 -34.86 -9.46 17.58
CA ASP D 170 -36.03 -8.65 17.93
C ASP D 170 -36.44 -7.81 16.71
N LYS D 171 -35.48 -7.09 16.15
CA LYS D 171 -35.72 -6.30 14.95
C LYS D 171 -34.65 -6.54 13.90
N CYS D 172 -35.02 -6.50 12.61
CA CYS D 172 -34.08 -6.67 11.53
C CYS D 172 -34.23 -5.54 10.51
N VAL D 173 -33.18 -4.73 10.45
CA VAL D 173 -33.13 -3.61 9.51
C VAL D 173 -32.29 -4.01 8.29
N VAL D 174 -32.80 -3.72 7.11
CA VAL D 174 -32.09 -3.97 5.86
C VAL D 174 -31.65 -2.64 5.28
N ALA D 175 -30.35 -2.42 5.16
CA ALA D 175 -29.85 -1.11 4.70
C ALA D 175 -30.08 -0.99 3.20
N TYR D 176 -31.20 -0.36 2.84
CA TYR D 176 -31.57 -0.28 1.43
C TYR D 176 -32.69 0.73 1.24
N GLU D 177 -32.63 1.47 0.16
CA GLU D 177 -33.59 2.51 -0.18
C GLU D 177 -34.68 1.99 -1.12
N GLU D 178 -35.90 1.90 -0.66
CA GLU D 178 -37.04 1.55 -1.49
C GLU D 178 -37.78 2.86 -1.88
N SER D 186 -35.54 6.26 6.74
CA SER D 186 -36.88 6.84 6.99
C SER D 186 -37.53 6.16 8.20
N ALA D 187 -37.45 4.83 8.19
CA ALA D 187 -37.96 4.00 9.25
C ALA D 187 -36.88 3.68 10.27
N PHE D 188 -35.67 4.11 9.95
CA PHE D 188 -34.50 3.86 10.76
C PHE D 188 -34.61 4.56 12.11
N SER D 189 -34.95 5.84 12.13
CA SER D 189 -35.10 6.55 13.41
C SER D 189 -36.29 5.97 14.17
N ALA D 190 -37.42 5.80 13.48
CA ALA D 190 -38.56 5.13 14.13
C ALA D 190 -38.11 3.80 14.70
N ILE D 191 -37.51 2.92 13.90
CA ILE D 191 -37.10 1.63 14.47
C ILE D 191 -36.19 1.77 15.68
N VAL D 192 -35.06 2.45 15.56
CA VAL D 192 -34.05 2.60 16.56
C VAL D 192 -34.47 3.39 17.79
N SER D 193 -35.28 4.41 17.59
CA SER D 193 -35.77 5.28 18.65
C SER D 193 -36.50 4.44 19.71
N SER D 194 -37.29 3.50 19.23
CA SER D 194 -38.14 2.64 19.99
C SER D 194 -37.55 1.34 20.43
N LEU D 195 -36.26 1.13 20.30
CA LEU D 195 -35.63 -0.11 20.75
C LEU D 195 -35.34 -0.05 22.24
N PRO D 196 -36.00 -0.89 23.02
CA PRO D 196 -35.76 -0.96 24.46
C PRO D 196 -34.30 -1.33 24.72
N LYS D 197 -33.84 -1.17 25.95
CA LYS D 197 -32.48 -1.55 26.32
C LYS D 197 -32.39 -3.06 26.49
N GLY D 198 -31.22 -3.62 26.18
CA GLY D 198 -31.02 -5.06 26.26
C GLY D 198 -31.55 -5.77 25.03
N SER D 199 -32.30 -5.07 24.17
CA SER D 199 -32.83 -5.61 22.95
C SER D 199 -31.78 -5.68 21.85
N SER D 200 -32.08 -6.48 20.84
CA SER D 200 -31.18 -6.73 19.73
C SER D 200 -31.64 -6.08 18.44
N LEU D 201 -30.66 -5.87 17.57
CA LEU D 201 -30.87 -5.27 16.27
C LEU D 201 -29.94 -5.94 15.26
N LEU D 202 -30.54 -6.63 14.29
CA LEU D 202 -29.73 -7.20 13.21
C LEU D 202 -29.80 -6.19 12.06
N ILE D 203 -28.65 -5.86 11.48
CA ILE D 203 -28.62 -4.97 10.30
C ILE D 203 -27.86 -5.68 9.18
N VAL D 204 -28.51 -5.85 8.04
CA VAL D 204 -27.92 -6.50 6.88
C VAL D 204 -27.47 -5.48 5.83
N PHE D 205 -26.24 -5.65 5.33
CA PHE D 205 -25.65 -4.73 4.36
C PHE D 205 -25.10 -5.46 3.15
N GLY D 206 -25.22 -4.92 1.95
CA GLY D 206 -24.72 -5.61 0.78
C GLY D 206 -23.25 -5.26 0.55
N PRO D 207 -22.65 -5.97 -0.39
CA PRO D 207 -21.26 -5.74 -0.80
C PRO D 207 -21.20 -4.56 -1.79
N GLU D 208 -20.08 -4.40 -2.46
CA GLU D 208 -20.00 -3.37 -3.53
C GLU D 208 -21.12 -3.69 -4.51
N GLY D 209 -21.84 -2.71 -5.00
CA GLY D 209 -22.96 -3.08 -5.90
C GLY D 209 -24.26 -2.99 -5.09
N GLY D 210 -24.24 -3.51 -3.87
CA GLY D 210 -25.36 -3.45 -2.95
C GLY D 210 -26.16 -4.75 -3.04
N LEU D 211 -27.18 -4.89 -2.21
CA LEU D 211 -28.05 -6.09 -2.26
C LEU D 211 -28.87 -6.12 -3.52
N THR D 212 -29.20 -7.28 -4.08
CA THR D 212 -30.06 -7.27 -5.27
C THR D 212 -31.54 -7.14 -4.85
N GLU D 213 -32.38 -6.78 -5.82
CA GLU D 213 -33.82 -6.75 -5.61
C GLU D 213 -34.34 -8.12 -5.15
N ALA D 214 -33.81 -9.20 -5.73
CA ALA D 214 -34.21 -10.53 -5.29
C ALA D 214 -33.91 -10.71 -3.80
N GLU D 215 -32.68 -10.37 -3.40
CA GLU D 215 -32.26 -10.49 -2.01
C GLU D 215 -33.15 -9.68 -1.06
N VAL D 216 -33.49 -8.48 -1.46
CA VAL D 216 -34.31 -7.61 -0.62
C VAL D 216 -35.74 -8.09 -0.57
N GLU D 217 -36.20 -8.76 -1.66
CA GLU D 217 -37.55 -9.29 -1.63
C GLU D 217 -37.61 -10.40 -0.59
N ARG D 218 -36.65 -11.31 -0.67
CA ARG D 218 -36.63 -12.41 0.30
C ARG D 218 -36.54 -11.87 1.73
N LEU D 219 -35.63 -10.95 2.00
CA LEU D 219 -35.42 -10.38 3.31
C LEU D 219 -36.65 -9.70 3.87
N THR D 220 -37.43 -9.02 3.05
CA THR D 220 -38.66 -8.36 3.46
C THR D 220 -39.70 -9.40 3.82
N GLU D 221 -39.67 -10.56 3.16
CA GLU D 221 -40.54 -11.68 3.48
C GLU D 221 -40.19 -12.23 4.87
N GLN D 222 -38.93 -12.02 5.27
CA GLN D 222 -38.42 -12.48 6.55
C GLN D 222 -38.49 -11.39 7.61
N ASP D 223 -39.37 -10.42 7.45
CA ASP D 223 -39.64 -9.34 8.37
C ASP D 223 -38.53 -8.29 8.45
N GLY D 224 -37.71 -8.23 7.41
CA GLY D 224 -36.62 -7.26 7.37
C GLY D 224 -37.19 -5.93 6.90
N VAL D 225 -37.08 -4.89 7.75
CA VAL D 225 -37.61 -3.61 7.28
C VAL D 225 -36.51 -2.90 6.51
N THR D 226 -36.85 -2.43 5.32
CA THR D 226 -35.84 -1.71 4.55
C THR D 226 -35.82 -0.25 5.01
N CYS D 227 -34.60 0.25 5.14
CA CYS D 227 -34.32 1.57 5.64
C CYS D 227 -33.13 2.20 4.92
N GLY D 228 -33.26 3.44 4.52
CA GLY D 228 -32.10 4.12 3.90
C GLY D 228 -31.29 4.74 5.05
N LEU D 229 -30.07 5.12 4.78
CA LEU D 229 -29.20 5.69 5.83
C LEU D 229 -28.76 7.07 5.41
N GLY D 230 -29.72 7.92 5.11
CA GLY D 230 -29.44 9.27 4.61
C GLY D 230 -29.61 9.26 3.08
N PRO D 231 -29.68 10.44 2.49
CA PRO D 231 -29.81 10.59 1.07
C PRO D 231 -28.56 10.29 0.28
N ARG D 232 -27.34 10.24 0.87
CA ARG D 232 -26.16 10.04 0.01
C ARG D 232 -25.78 8.59 -0.14
N ILE D 233 -25.14 8.25 -1.26
CA ILE D 233 -24.71 6.90 -1.52
C ILE D 233 -23.40 6.59 -0.80
N LEU D 234 -23.49 5.61 0.05
CA LEU D 234 -22.50 5.08 0.93
C LEU D 234 -21.77 3.87 0.42
N ARG D 235 -20.42 3.88 0.57
CA ARG D 235 -19.68 2.69 0.17
C ARG D 235 -19.97 1.52 1.11
N THR D 236 -19.63 0.32 0.60
CA THR D 236 -19.85 -0.88 1.37
C THR D 236 -19.27 -0.81 2.78
N GLU D 237 -18.07 -0.30 2.95
CA GLU D 237 -17.45 -0.24 4.27
C GLU D 237 -17.90 0.92 5.11
N THR D 238 -18.67 1.85 4.58
CA THR D 238 -19.13 3.01 5.34
C THR D 238 -20.51 2.84 5.94
N ALA D 239 -21.41 2.09 5.31
CA ALA D 239 -22.75 1.93 5.83
C ALA D 239 -22.79 1.48 7.28
N PRO D 240 -22.11 0.41 7.64
CA PRO D 240 -22.08 -0.08 9.00
C PRO D 240 -21.60 0.96 9.99
N LEU D 241 -20.70 1.86 9.56
CA LEU D 241 -20.20 2.84 10.50
C LEU D 241 -21.32 3.79 10.90
N TYR D 242 -21.98 4.32 9.86
CA TYR D 242 -23.05 5.25 9.97
C TYR D 242 -24.14 4.74 10.93
N ALA D 243 -24.56 3.50 10.66
CA ALA D 243 -25.63 2.90 11.45
C ALA D 243 -25.23 2.75 12.91
N LEU D 244 -24.00 2.28 13.18
CA LEU D 244 -23.52 2.22 14.56
C LEU D 244 -23.38 3.59 15.18
N SER D 245 -22.98 4.61 14.44
CA SER D 245 -22.80 5.95 14.97
C SER D 245 -24.13 6.62 15.31
N ALA D 246 -25.11 6.43 14.46
CA ALA D 246 -26.45 6.95 14.69
C ALA D 246 -27.11 6.20 15.86
N ILE D 247 -26.86 4.89 15.93
CA ILE D 247 -27.43 4.13 17.07
C ILE D 247 -26.91 4.66 18.38
N SER D 248 -25.61 4.94 18.50
CA SER D 248 -25.05 5.50 19.72
C SER D 248 -25.50 6.93 19.94
N TYR D 249 -25.68 7.68 18.84
CA TYR D 249 -26.12 9.08 19.01
C TYR D 249 -27.45 9.06 19.78
N GLN D 250 -28.41 8.31 19.27
CA GLN D 250 -29.75 8.13 19.73
C GLN D 250 -29.88 7.63 21.16
N THR D 251 -29.11 6.60 21.50
CA THR D 251 -29.19 5.94 22.77
C THR D 251 -28.17 6.34 23.80
N GLU D 252 -27.24 7.23 23.53
CA GLU D 252 -26.23 7.56 24.53
C GLU D 252 -26.01 9.06 24.66
N LEU D 253 -26.13 9.78 23.54
CA LEU D 253 -25.89 11.22 23.57
C LEU D 253 -27.22 11.95 23.61
N LEU D 254 -28.29 11.27 23.21
CA LEU D 254 -29.62 11.88 23.31
C LEU D 254 -30.16 11.46 24.69
N ARG D 255 -29.80 10.22 25.02
CA ARG D 255 -30.17 9.62 26.29
C ARG D 255 -29.07 9.89 27.33
#